data_6PAL
#
_entry.id   6PAL
#
_cell.length_a   65.675
_cell.length_b   106.030
_cell.length_c   126.977
_cell.angle_alpha   90.000
_cell.angle_beta   90.000
_cell.angle_gamma   90.000
#
_symmetry.space_group_name_H-M   'P 21 21 21'
#
loop_
_entity.id
_entity.type
_entity.pdbx_description
1 polymer 'Uncharacterized protein'
2 non-polymer 'ACETATE ION'
3 non-polymer 'SULFATE ION'
4 water water
#
_entity_poly.entity_id   1
_entity_poly.type   'polypeptide(L)'
_entity_poly.pdbx_seq_one_letter_code
;AMGIVIEKAADGYKLSIDGRETYIKGVGGTYRLDIAAQSGANAFRTWGGNVEEIKKNLALASEHNMYVMQGIGMTKDSIR
YYDDEYKNKMREEVRLLAETFKNDTSLLAWGIGNEIELGNANIAAAWNFVEELAQLIKSIDKRHLVSTVISYNPSALDSV
AKYAPSLDYVGINVYGPMGEVQAVVDRSDYKGAFMITEWGPTGWWETASTEWKAPIEQTSEEKRQVYEERYTQYISANTR
CLGSFVFLWGQKEERTPTWFSMFVEDKVDSLPLKGEKTPMVEAMQRVWTGKELDETAPIVRGMTIDGKSAIDNVRIKAGT
LFKAEVSVTDKENDSLAYVWEVLKEATVLGFGGSYEPRPERMGDVAVSDKNVYETMIKVPGEYRLYVYVLDNTGFVSTAN
IPFQVID
;
_entity_poly.pdbx_strand_id   A,B
#
loop_
_chem_comp.id
_chem_comp.type
_chem_comp.name
_chem_comp.formula
ACT non-polymer 'ACETATE ION' 'C2 H3 O2 -1'
SO4 non-polymer 'SULFATE ION' 'O4 S -2'
#
# COMPACT_ATOMS: atom_id res chain seq x y z
N ALA A 1 1.72 -12.28 -40.96
CA ALA A 1 1.89 -11.22 -39.91
C ALA A 1 0.70 -11.22 -38.93
N MET A 2 -0.05 -12.33 -38.78
CA MET A 2 -1.18 -12.38 -37.80
C MET A 2 -0.67 -12.60 -36.37
N GLY A 3 -1.40 -12.02 -35.43
CA GLY A 3 -1.07 -12.04 -34.00
C GLY A 3 -0.46 -10.71 -33.60
N ILE A 4 0.11 -10.64 -32.39
CA ILE A 4 0.53 -9.34 -31.80
C ILE A 4 2.05 -9.28 -31.93
N VAL A 5 2.56 -8.22 -32.54
CA VAL A 5 4.02 -8.11 -32.79
C VAL A 5 4.46 -6.70 -32.42
N ILE A 6 5.67 -6.62 -31.88
CA ILE A 6 6.37 -5.34 -31.63
C ILE A 6 7.52 -5.27 -32.65
N GLU A 7 7.62 -4.18 -33.37
CA GLU A 7 8.70 -3.99 -34.37
C GLU A 7 9.44 -2.69 -34.06
N LYS A 8 10.75 -2.68 -34.31
CA LYS A 8 11.53 -1.42 -34.41
C LYS A 8 10.85 -0.52 -35.43
N ALA A 9 10.62 0.74 -35.06
CA ALA A 9 10.13 1.80 -35.94
C ALA A 9 11.35 2.66 -36.28
N ALA A 10 11.23 3.59 -37.22
CA ALA A 10 12.28 4.57 -37.55
C ALA A 10 12.72 5.23 -36.23
N ASP A 11 11.74 5.68 -35.43
CA ASP A 11 11.90 6.20 -34.06
C ASP A 11 11.21 5.24 -33.07
N GLY A 12 11.98 4.59 -32.19
CA GLY A 12 11.46 3.73 -31.12
C GLY A 12 10.81 2.45 -31.65
N TYR A 13 9.60 2.15 -31.19
CA TYR A 13 8.94 0.84 -31.46
C TYR A 13 7.48 1.11 -31.80
N LYS A 14 6.86 0.12 -32.44
CA LYS A 14 5.39 0.15 -32.67
C LYS A 14 4.85 -1.24 -32.45
N LEU A 15 3.57 -1.31 -32.11
CA LEU A 15 2.87 -2.56 -31.82
C LEU A 15 1.77 -2.71 -32.86
N SER A 16 1.69 -3.90 -33.45
CA SER A 16 0.66 -4.26 -34.45
C SER A 16 -0.14 -5.46 -33.96
N ILE A 17 -1.45 -5.39 -34.14
CA ILE A 17 -2.41 -6.48 -33.88
C ILE A 17 -2.94 -6.90 -35.27
N ASP A 18 -2.59 -8.09 -35.72
CA ASP A 18 -3.04 -8.59 -37.04
C ASP A 18 -2.66 -7.57 -38.13
N GLY A 19 -1.46 -7.04 -38.06
CA GLY A 19 -0.84 -6.14 -39.04
C GLY A 19 -1.33 -4.71 -38.94
N ARG A 20 -2.17 -4.37 -37.95
CA ARG A 20 -2.65 -2.98 -37.76
C ARG A 20 -1.96 -2.33 -36.56
N GLU A 21 -1.21 -1.27 -36.80
CA GLU A 21 -0.53 -0.50 -35.73
C GLU A 21 -1.59 0.01 -34.74
N THR A 22 -1.44 -0.30 -33.45
CA THR A 22 -2.46 -0.03 -32.42
C THR A 22 -1.79 0.48 -31.17
N TYR A 23 -2.22 1.61 -30.65
CA TYR A 23 -1.69 2.13 -29.37
C TYR A 23 -2.54 1.53 -28.25
N ILE A 24 -1.92 1.19 -27.14
CA ILE A 24 -2.64 0.60 -25.98
C ILE A 24 -3.07 1.73 -25.04
N LYS A 25 -4.38 1.98 -25.06
CA LYS A 25 -5.11 3.05 -24.35
C LYS A 25 -5.87 2.33 -23.24
N GLY A 26 -5.19 2.14 -22.11
CA GLY A 26 -5.69 1.19 -21.11
C GLY A 26 -6.08 1.80 -19.78
N VAL A 27 -6.88 1.03 -19.07
CA VAL A 27 -7.22 1.28 -17.65
C VAL A 27 -6.70 0.09 -16.83
N GLY A 28 -6.30 0.37 -15.59
CA GLY A 28 -6.05 -0.67 -14.57
C GLY A 28 -7.38 -1.23 -14.07
N GLY A 29 -7.58 -2.55 -14.17
CA GLY A 29 -8.71 -3.25 -13.54
C GLY A 29 -9.93 -3.29 -14.45
N THR A 30 -11.08 -3.67 -13.87
CA THR A 30 -12.31 -4.01 -14.63
C THR A 30 -13.52 -3.22 -14.13
N TYR A 31 -13.30 -2.09 -13.44
CA TYR A 31 -14.42 -1.25 -12.99
C TYR A 31 -14.97 -0.41 -14.15
N ARG A 32 -16.30 -0.36 -14.33
CA ARG A 32 -16.99 0.48 -15.36
C ARG A 32 -16.25 0.46 -16.71
N LEU A 33 -16.03 -0.72 -17.27
CA LEU A 33 -15.40 -0.86 -18.60
C LEU A 33 -16.35 -0.33 -19.68
N ASP A 34 -17.65 -0.23 -19.37
CA ASP A 34 -18.63 0.43 -20.27
C ASP A 34 -18.16 1.86 -20.47
N ILE A 35 -17.89 2.59 -19.40
CA ILE A 35 -17.43 4.01 -19.51
C ILE A 35 -16.03 4.06 -20.15
N ALA A 36 -15.14 3.12 -19.83
CA ALA A 36 -13.78 3.09 -20.42
C ALA A 36 -13.94 3.00 -21.94
N ALA A 37 -14.73 2.05 -22.41
CA ALA A 37 -14.94 1.86 -23.88
C ALA A 37 -15.60 3.11 -24.47
N GLN A 38 -16.62 3.67 -23.81
CA GLN A 38 -17.32 4.91 -24.25
C GLN A 38 -16.31 6.04 -24.39
N SER A 39 -15.27 6.08 -23.53
CA SER A 39 -14.24 7.15 -23.47
C SER A 39 -13.10 6.94 -24.48
N GLY A 40 -13.05 5.80 -25.18
CA GLY A 40 -11.98 5.58 -26.18
C GLY A 40 -10.90 4.59 -25.71
N ALA A 41 -11.05 3.99 -24.53
CA ALA A 41 -10.09 2.99 -24.01
C ALA A 41 -10.19 1.75 -24.91
N ASN A 42 -9.08 1.11 -25.21
CA ASN A 42 -9.13 -0.17 -25.97
C ASN A 42 -8.49 -1.32 -25.20
N ALA A 43 -8.21 -1.17 -23.91
CA ALA A 43 -7.47 -2.19 -23.16
C ALA A 43 -7.69 -2.05 -21.67
N PHE A 44 -7.53 -3.16 -20.98
CA PHE A 44 -7.41 -3.13 -19.51
C PHE A 44 -6.41 -4.18 -19.04
N ARG A 45 -5.93 -3.97 -17.82
CA ARG A 45 -4.88 -4.79 -17.22
C ARG A 45 -5.44 -5.45 -15.97
N THR A 46 -5.12 -6.72 -15.77
CA THR A 46 -5.46 -7.51 -14.56
C THR A 46 -4.17 -8.06 -13.94
N TRP A 47 -4.23 -8.39 -12.66
CA TRP A 47 -3.03 -8.85 -11.91
C TRP A 47 -2.97 -10.38 -11.81
N GLY A 48 -4.10 -11.07 -11.89
CA GLY A 48 -4.12 -12.53 -11.76
C GLY A 48 -5.47 -13.12 -12.12
N GLY A 49 -5.72 -14.34 -11.64
CA GLY A 49 -6.91 -15.12 -11.97
C GLY A 49 -6.57 -16.53 -12.39
N ASN A 50 -7.47 -17.46 -12.04
CA ASN A 50 -7.46 -18.87 -12.53
C ASN A 50 -8.08 -18.89 -13.94
N VAL A 51 -8.17 -20.07 -14.56
CA VAL A 51 -8.71 -20.22 -15.95
C VAL A 51 -10.10 -19.58 -16.01
N GLU A 52 -10.98 -19.90 -15.04
CA GLU A 52 -12.39 -19.42 -15.09
C GLU A 52 -12.43 -17.90 -14.94
N GLU A 53 -11.60 -17.32 -14.08
CA GLU A 53 -11.57 -15.85 -13.86
C GLU A 53 -11.05 -15.18 -15.14
N ILE A 54 -10.05 -15.76 -15.79
CA ILE A 54 -9.50 -15.20 -17.06
C ILE A 54 -10.56 -15.31 -18.15
N LYS A 55 -11.28 -16.42 -18.24
CA LYS A 55 -12.36 -16.53 -19.26
C LYS A 55 -13.36 -15.39 -19.06
N LYS A 56 -13.71 -15.06 -17.81
CA LYS A 56 -14.68 -13.98 -17.55
C LYS A 56 -14.06 -12.65 -18.00
N ASN A 57 -12.79 -12.39 -17.67
CA ASN A 57 -12.09 -11.14 -18.08
C ASN A 57 -12.14 -11.03 -19.61
N LEU A 58 -11.84 -12.12 -20.34
CA LEU A 58 -11.71 -12.06 -21.82
C LEU A 58 -13.11 -11.92 -22.44
N ALA A 59 -14.15 -12.47 -21.82
CA ALA A 59 -15.57 -12.29 -22.27
C ALA A 59 -15.98 -10.83 -22.07
N LEU A 60 -15.60 -10.21 -20.94
CA LEU A 60 -15.91 -8.77 -20.69
C LEU A 60 -15.20 -7.94 -21.76
N ALA A 61 -13.92 -8.24 -22.01
CA ALA A 61 -13.10 -7.52 -22.99
C ALA A 61 -13.79 -7.65 -24.37
N SER A 62 -14.21 -8.85 -24.75
CA SER A 62 -14.87 -9.08 -26.07
C SER A 62 -16.11 -8.19 -26.23
N GLU A 63 -16.93 -8.11 -25.17
N GLU A 63 -16.97 -8.15 -25.20
CA GLU A 63 -18.22 -7.35 -25.12
CA GLU A 63 -18.20 -7.32 -25.23
C GLU A 63 -17.92 -5.85 -25.29
C GLU A 63 -17.79 -5.88 -25.53
N HIS A 64 -16.75 -5.38 -24.84
CA HIS A 64 -16.33 -3.96 -24.96
C HIS A 64 -15.35 -3.71 -26.10
N ASN A 65 -15.01 -4.73 -26.89
CA ASN A 65 -14.04 -4.61 -28.00
C ASN A 65 -12.70 -4.12 -27.44
N MET A 66 -12.28 -4.68 -26.32
CA MET A 66 -11.01 -4.26 -25.65
C MET A 66 -10.03 -5.42 -25.61
N TYR A 67 -8.76 -5.12 -25.38
CA TYR A 67 -7.69 -6.12 -25.24
C TYR A 67 -7.32 -6.21 -23.77
N VAL A 68 -6.74 -7.35 -23.37
CA VAL A 68 -6.36 -7.58 -21.95
C VAL A 68 -4.85 -7.81 -21.85
N MET A 69 -4.23 -7.09 -20.94
CA MET A 69 -2.91 -7.51 -20.41
C MET A 69 -3.21 -8.31 -19.16
N GLN A 70 -3.09 -9.64 -19.28
CA GLN A 70 -3.49 -10.59 -18.22
C GLN A 70 -2.29 -10.94 -17.36
N GLY A 71 -2.38 -10.63 -16.08
CA GLY A 71 -1.30 -10.91 -15.12
C GLY A 71 -1.25 -12.36 -14.70
N ILE A 72 -0.05 -12.81 -14.42
CA ILE A 72 0.21 -14.10 -13.73
C ILE A 72 0.91 -13.76 -12.42
N GLY A 73 0.37 -14.23 -11.31
CA GLY A 73 0.83 -13.85 -9.96
C GLY A 73 2.08 -14.64 -9.63
N MET A 74 3.17 -13.95 -9.27
CA MET A 74 4.46 -14.58 -8.95
C MET A 74 4.72 -14.24 -7.48
N THR A 75 5.46 -15.05 -6.76
CA THR A 75 5.69 -14.87 -5.31
C THR A 75 6.73 -13.77 -5.01
N LYS A 76 6.53 -13.11 -3.87
CA LYS A 76 7.52 -12.21 -3.24
C LYS A 76 8.35 -12.98 -2.20
N ASP A 77 8.05 -14.27 -2.00
CA ASP A 77 8.82 -15.14 -1.07
C ASP A 77 10.02 -15.67 -1.87
N SER A 78 11.10 -14.89 -1.90
CA SER A 78 12.21 -15.04 -2.86
C SER A 78 12.88 -16.41 -2.80
N ILE A 79 12.93 -17.06 -1.64
CA ILE A 79 13.59 -18.38 -1.48
C ILE A 79 12.85 -19.42 -2.35
N ARG A 80 11.56 -19.19 -2.66
CA ARG A 80 10.78 -20.15 -3.48
C ARG A 80 11.32 -20.29 -4.91
N TYR A 81 12.06 -19.30 -5.41
CA TYR A 81 12.62 -19.34 -6.77
C TYR A 81 13.75 -20.37 -6.86
N TYR A 82 14.20 -20.92 -5.73
CA TYR A 82 15.18 -22.03 -5.69
C TYR A 82 14.45 -23.37 -5.58
N ASP A 83 13.14 -23.37 -5.37
CA ASP A 83 12.39 -24.57 -4.94
C ASP A 83 11.74 -25.21 -6.18
N ASP A 84 12.17 -26.40 -6.56
CA ASP A 84 11.66 -27.09 -7.77
C ASP A 84 10.15 -27.37 -7.59
N GLU A 85 9.66 -27.48 -6.36
CA GLU A 85 8.22 -27.74 -6.11
C GLU A 85 7.38 -26.52 -6.54
N TYR A 86 7.77 -25.33 -6.09
CA TYR A 86 7.14 -24.05 -6.50
C TYR A 86 7.27 -23.88 -8.03
N LYS A 87 8.46 -24.10 -8.57
CA LYS A 87 8.72 -23.86 -10.02
C LYS A 87 7.94 -24.85 -10.89
N ASN A 88 7.83 -26.11 -10.48
CA ASN A 88 7.06 -27.11 -11.25
C ASN A 88 5.57 -26.77 -11.17
N LYS A 89 5.06 -26.34 -10.01
CA LYS A 89 3.66 -25.87 -9.88
C LYS A 89 3.42 -24.69 -10.85
N MET A 90 4.28 -23.70 -10.86
CA MET A 90 4.11 -22.51 -11.75
C MET A 90 4.23 -22.93 -13.22
N ARG A 91 5.15 -23.85 -13.57
N ARG A 91 5.16 -23.86 -13.56
CA ARG A 91 5.30 -24.32 -14.97
CA ARG A 91 5.33 -24.36 -14.94
C ARG A 91 3.98 -24.99 -15.42
C ARG A 91 4.01 -25.00 -15.40
N GLU A 92 3.41 -25.85 -14.57
CA GLU A 92 2.12 -26.54 -14.90
C GLU A 92 1.03 -25.46 -15.11
N GLU A 93 0.95 -24.47 -14.24
CA GLU A 93 -0.16 -23.46 -14.27
C GLU A 93 -0.01 -22.64 -15.54
N VAL A 94 1.20 -22.18 -15.81
CA VAL A 94 1.47 -21.35 -17.00
C VAL A 94 1.26 -22.14 -18.29
N ARG A 95 1.67 -23.41 -18.35
CA ARG A 95 1.40 -24.28 -19.53
C ARG A 95 -0.12 -24.33 -19.78
N LEU A 96 -0.92 -24.56 -18.73
CA LEU A 96 -2.40 -24.67 -18.85
C LEU A 96 -2.94 -23.33 -19.37
N LEU A 97 -2.49 -22.21 -18.80
CA LEU A 97 -2.96 -20.87 -19.26
C LEU A 97 -2.64 -20.69 -20.73
N ALA A 98 -1.39 -20.94 -21.14
CA ALA A 98 -0.92 -20.69 -22.51
C ALA A 98 -1.77 -21.58 -23.44
N GLU A 99 -1.91 -22.85 -23.10
CA GLU A 99 -2.69 -23.78 -23.97
C GLU A 99 -4.16 -23.34 -24.07
N THR A 100 -4.76 -22.93 -22.94
CA THR A 100 -6.19 -22.56 -22.86
C THR A 100 -6.45 -21.32 -23.71
N PHE A 101 -5.55 -20.33 -23.69
CA PHE A 101 -5.89 -18.98 -24.24
C PHE A 101 -5.10 -18.60 -25.49
N LYS A 102 -4.29 -19.51 -26.05
CA LYS A 102 -3.35 -19.16 -27.15
C LYS A 102 -4.08 -18.58 -28.37
N ASN A 103 -5.36 -18.90 -28.60
CA ASN A 103 -6.09 -18.40 -29.80
C ASN A 103 -7.08 -17.28 -29.46
N ASP A 104 -7.18 -16.88 -28.20
CA ASP A 104 -8.13 -15.80 -27.81
C ASP A 104 -7.72 -14.47 -28.46
N THR A 105 -8.68 -13.75 -29.05
CA THR A 105 -8.40 -12.49 -29.81
C THR A 105 -8.62 -11.28 -28.90
N SER A 106 -9.09 -11.46 -27.65
CA SER A 106 -9.25 -10.36 -26.66
C SER A 106 -7.98 -10.23 -25.82
N LEU A 107 -7.26 -11.31 -25.62
CA LEU A 107 -5.97 -11.29 -24.88
C LEU A 107 -4.92 -10.61 -25.76
N LEU A 108 -4.19 -9.67 -25.20
CA LEU A 108 -3.03 -9.02 -25.86
C LEU A 108 -1.71 -9.66 -25.40
N ALA A 109 -1.54 -9.80 -24.08
CA ALA A 109 -0.21 -10.03 -23.49
C ALA A 109 -0.38 -10.71 -22.15
N TRP A 110 0.60 -11.54 -21.82
CA TRP A 110 0.83 -12.12 -20.47
C TRP A 110 1.79 -11.22 -19.69
N GLY A 111 1.45 -10.90 -18.45
CA GLY A 111 2.30 -10.15 -17.51
C GLY A 111 2.82 -11.11 -16.45
N ILE A 112 4.07 -11.55 -16.59
CA ILE A 112 4.67 -12.56 -15.71
C ILE A 112 5.20 -11.80 -14.50
N GLY A 113 4.33 -11.66 -13.50
CA GLY A 113 4.63 -11.07 -12.19
C GLY A 113 4.49 -9.57 -12.20
N ASN A 114 4.33 -9.04 -11.01
CA ASN A 114 4.17 -7.61 -10.73
C ASN A 114 5.18 -7.26 -9.62
N GLU A 115 6.23 -6.53 -9.98
CA GLU A 115 7.25 -6.02 -9.02
C GLU A 115 7.92 -7.19 -8.28
N ILE A 116 8.27 -8.28 -8.97
CA ILE A 116 9.04 -9.43 -8.34
C ILE A 116 10.29 -8.94 -7.59
N GLU A 117 10.98 -7.91 -8.08
CA GLU A 117 12.24 -7.38 -7.49
C GLU A 117 12.01 -6.82 -6.09
N LEU A 118 10.78 -6.45 -5.72
CA LEU A 118 10.46 -5.83 -4.41
C LEU A 118 10.05 -6.91 -3.41
N GLY A 119 10.21 -8.19 -3.75
CA GLY A 119 10.08 -9.27 -2.77
C GLY A 119 11.23 -9.29 -1.77
N ASN A 120 11.30 -10.37 -0.97
CA ASN A 120 12.30 -10.57 0.13
C ASN A 120 13.69 -10.16 -0.37
N ALA A 121 14.06 -10.55 -1.59
CA ALA A 121 15.36 -10.20 -2.23
C ALA A 121 15.18 -10.16 -3.75
N ASN A 122 15.90 -9.23 -4.40
CA ASN A 122 16.03 -9.16 -5.87
C ASN A 122 17.15 -10.13 -6.29
N ILE A 123 16.85 -11.28 -6.91
CA ILE A 123 17.90 -12.34 -7.12
C ILE A 123 17.81 -12.93 -8.54
N ALA A 124 18.94 -13.47 -9.02
CA ALA A 124 19.06 -14.13 -10.34
C ALA A 124 18.00 -15.23 -10.43
N ALA A 125 17.75 -15.99 -9.37
CA ALA A 125 16.85 -17.17 -9.46
C ALA A 125 15.45 -16.69 -9.93
N ALA A 126 15.02 -15.53 -9.49
CA ALA A 126 13.65 -15.03 -9.80
C ALA A 126 13.62 -14.62 -11.28
N TRP A 127 14.56 -13.80 -11.71
CA TRP A 127 14.63 -13.31 -13.12
C TRP A 127 14.84 -14.48 -14.09
N ASN A 128 15.66 -15.48 -13.72
CA ASN A 128 15.87 -16.65 -14.60
C ASN A 128 14.57 -17.44 -14.75
N PHE A 129 13.73 -17.50 -13.71
CA PHE A 129 12.44 -18.22 -13.76
C PHE A 129 11.43 -17.42 -14.61
N VAL A 130 11.42 -16.10 -14.51
CA VAL A 130 10.59 -15.26 -15.42
C VAL A 130 10.98 -15.57 -16.89
N GLU A 131 12.28 -15.60 -17.20
CA GLU A 131 12.78 -15.95 -18.56
C GLU A 131 12.30 -17.35 -18.94
N GLU A 132 12.38 -18.30 -18.03
CA GLU A 132 11.97 -19.71 -18.28
C GLU A 132 10.47 -19.77 -18.59
N LEU A 133 9.66 -19.04 -17.81
CA LEU A 133 8.19 -18.98 -17.99
C LEU A 133 7.86 -18.32 -19.33
N ALA A 134 8.60 -17.29 -19.73
CA ALA A 134 8.39 -16.59 -21.01
C ALA A 134 8.65 -17.57 -22.16
N GLN A 135 9.73 -18.36 -22.09
CA GLN A 135 10.05 -19.31 -23.18
C GLN A 135 8.96 -20.39 -23.23
N LEU A 136 8.48 -20.85 -22.08
CA LEU A 136 7.39 -21.85 -22.00
C LEU A 136 6.11 -21.30 -22.67
N ILE A 137 5.72 -20.06 -22.34
CA ILE A 137 4.51 -19.45 -22.95
C ILE A 137 4.71 -19.34 -24.47
N LYS A 138 5.86 -18.84 -24.90
CA LYS A 138 6.09 -18.59 -26.36
C LYS A 138 6.20 -19.91 -27.13
N SER A 139 6.57 -21.00 -26.45
CA SER A 139 6.59 -22.36 -27.06
C SER A 139 5.19 -22.84 -27.42
N ILE A 140 4.15 -22.35 -26.75
CA ILE A 140 2.74 -22.80 -26.89
C ILE A 140 1.93 -21.72 -27.62
N ASP A 141 2.10 -20.47 -27.21
CA ASP A 141 1.26 -19.31 -27.61
C ASP A 141 2.09 -18.46 -28.57
N LYS A 142 1.74 -18.51 -29.86
CA LYS A 142 2.43 -17.76 -30.93
C LYS A 142 1.77 -16.40 -31.13
N ARG A 143 0.55 -16.21 -30.61
CA ARG A 143 -0.25 -14.98 -30.89
C ARG A 143 0.21 -13.82 -29.99
N HIS A 144 0.27 -14.05 -28.69
CA HIS A 144 0.32 -12.97 -27.67
C HIS A 144 1.74 -12.57 -27.30
N LEU A 145 1.87 -11.37 -26.75
CA LEU A 145 3.13 -10.85 -26.20
C LEU A 145 3.33 -11.42 -24.80
N VAL A 146 4.59 -11.45 -24.37
N VAL A 146 4.59 -11.50 -24.36
CA VAL A 146 5.00 -11.83 -22.99
CA VAL A 146 4.95 -11.83 -22.96
C VAL A 146 5.79 -10.67 -22.40
C VAL A 146 5.77 -10.68 -22.40
N SER A 147 5.51 -10.35 -21.14
CA SER A 147 6.12 -9.21 -20.45
C SER A 147 6.34 -9.60 -18.99
N THR A 148 6.99 -8.73 -18.27
CA THR A 148 6.99 -8.71 -16.81
C THR A 148 6.71 -7.26 -16.42
N VAL A 149 6.27 -7.04 -15.19
CA VAL A 149 5.98 -5.67 -14.72
C VAL A 149 6.90 -5.38 -13.56
N ILE A 150 7.58 -4.26 -13.62
CA ILE A 150 8.55 -3.84 -12.57
C ILE A 150 8.09 -2.53 -11.98
N SER A 151 8.54 -2.27 -10.76
CA SER A 151 8.54 -0.90 -10.18
C SER A 151 9.45 0.04 -10.99
N TYR A 152 9.31 1.32 -10.72
CA TYR A 152 10.06 2.40 -11.40
C TYR A 152 11.47 2.38 -10.83
N ASN A 153 12.31 1.56 -11.43
CA ASN A 153 13.45 0.95 -10.73
C ASN A 153 14.56 0.73 -11.75
N PRO A 154 15.58 1.61 -11.79
CA PRO A 154 16.75 1.43 -12.67
C PRO A 154 17.36 0.03 -12.58
N SER A 155 17.42 -0.54 -11.36
CA SER A 155 18.07 -1.85 -11.08
C SER A 155 17.26 -2.96 -11.73
N ALA A 156 15.95 -2.88 -11.61
CA ALA A 156 15.03 -3.85 -12.22
C ALA A 156 15.17 -3.83 -13.74
N LEU A 157 15.23 -2.65 -14.38
CA LEU A 157 15.41 -2.55 -15.85
C LEU A 157 16.71 -3.25 -16.24
N ASP A 158 17.77 -3.08 -15.44
CA ASP A 158 19.07 -3.73 -15.74
C ASP A 158 18.95 -5.25 -15.59
N SER A 159 18.19 -5.75 -14.61
CA SER A 159 17.95 -7.20 -14.36
C SER A 159 17.16 -7.84 -15.51
N VAL A 160 16.14 -7.16 -16.01
CA VAL A 160 15.39 -7.64 -17.20
C VAL A 160 16.32 -7.74 -18.39
N ALA A 161 17.15 -6.73 -18.61
CA ALA A 161 18.10 -6.71 -19.74
C ALA A 161 19.05 -7.90 -19.60
N LYS A 162 19.54 -8.21 -18.40
CA LYS A 162 20.56 -9.27 -18.22
C LYS A 162 19.92 -10.66 -18.33
N TYR A 163 18.77 -10.87 -17.69
CA TYR A 163 18.21 -12.21 -17.41
C TYR A 163 17.03 -12.60 -18.28
N ALA A 164 16.28 -11.65 -18.86
CA ALA A 164 14.98 -11.99 -19.49
C ALA A 164 14.88 -11.43 -20.90
N PRO A 165 15.79 -11.83 -21.82
CA PRO A 165 15.73 -11.35 -23.21
C PRO A 165 14.54 -11.87 -24.02
N SER A 166 13.86 -12.92 -23.56
CA SER A 166 12.69 -13.48 -24.27
C SER A 166 11.43 -12.63 -24.04
N LEU A 167 11.46 -11.64 -23.13
CA LEU A 167 10.26 -10.78 -22.97
C LEU A 167 10.12 -9.89 -24.20
N ASP A 168 8.89 -9.66 -24.67
CA ASP A 168 8.62 -8.73 -25.78
C ASP A 168 8.69 -7.29 -25.28
N TYR A 169 8.24 -7.02 -24.07
CA TYR A 169 8.25 -5.66 -23.50
C TYR A 169 8.30 -5.77 -22.00
N VAL A 170 8.55 -4.64 -21.38
N VAL A 170 8.57 -4.65 -21.34
CA VAL A 170 8.50 -4.47 -19.92
CA VAL A 170 8.57 -4.51 -19.86
C VAL A 170 7.36 -3.52 -19.59
C VAL A 170 7.49 -3.49 -19.49
N GLY A 171 6.61 -3.85 -18.55
CA GLY A 171 5.68 -2.91 -17.89
C GLY A 171 6.38 -2.20 -16.76
N ILE A 172 6.25 -0.88 -16.69
CA ILE A 172 6.75 -0.10 -15.53
C ILE A 172 5.58 0.55 -14.82
N ASN A 173 5.49 0.34 -13.50
CA ASN A 173 4.50 0.99 -12.66
C ASN A 173 5.12 2.30 -12.15
N VAL A 174 4.50 3.44 -12.46
CA VAL A 174 5.10 4.78 -12.15
C VAL A 174 4.11 5.56 -11.27
N TYR A 175 4.50 5.76 -10.03
CA TYR A 175 3.78 6.57 -9.01
C TYR A 175 4.66 7.78 -8.71
N GLY A 176 4.05 8.94 -8.69
CA GLY A 176 4.74 10.20 -8.44
C GLY A 176 5.15 10.88 -9.77
N PRO A 177 6.22 11.68 -9.75
CA PRO A 177 6.60 12.46 -10.92
C PRO A 177 6.99 11.54 -12.09
N MET A 178 6.71 11.97 -13.32
CA MET A 178 6.92 11.13 -14.52
C MET A 178 7.96 11.75 -15.48
N GLY A 179 8.49 12.93 -15.17
CA GLY A 179 9.37 13.69 -16.08
C GLY A 179 10.69 12.98 -16.37
N GLU A 180 11.10 12.02 -15.53
CA GLU A 180 12.42 11.35 -15.67
C GLU A 180 12.26 9.95 -16.27
N VAL A 181 11.04 9.51 -16.59
CA VAL A 181 10.82 8.11 -17.03
C VAL A 181 11.64 7.87 -18.30
N GLN A 182 11.55 8.80 -19.26
CA GLN A 182 12.24 8.67 -20.57
C GLN A 182 13.74 8.47 -20.34
N ALA A 183 14.38 9.33 -19.57
CA ALA A 183 15.83 9.31 -19.31
C ALA A 183 16.22 8.04 -18.54
N VAL A 184 15.42 7.62 -17.55
CA VAL A 184 15.68 6.41 -16.73
C VAL A 184 15.71 5.19 -17.67
N VAL A 185 14.69 5.02 -18.52
CA VAL A 185 14.65 3.86 -19.45
C VAL A 185 15.83 3.96 -20.42
N ASP A 186 16.06 5.15 -20.98
CA ASP A 186 17.13 5.39 -21.99
C ASP A 186 18.50 5.03 -21.39
N ARG A 187 18.77 5.43 -20.15
CA ARG A 187 20.09 5.24 -19.47
C ARG A 187 20.26 3.79 -19.05
N SER A 188 19.18 3.02 -18.93
CA SER A 188 19.23 1.60 -18.50
C SER A 188 19.82 0.70 -19.60
N ASP A 189 20.18 -0.52 -19.22
CA ASP A 189 20.67 -1.58 -20.14
C ASP A 189 19.52 -2.16 -20.96
N TYR A 190 18.26 -1.89 -20.58
CA TYR A 190 17.10 -2.44 -21.32
C TYR A 190 16.98 -1.71 -22.67
N LYS A 191 16.87 -2.43 -23.77
CA LYS A 191 16.87 -1.76 -25.12
C LYS A 191 15.49 -1.68 -25.82
N GLY A 192 14.52 -2.47 -25.42
CA GLY A 192 13.26 -2.63 -26.17
C GLY A 192 12.15 -1.65 -25.82
N ALA A 193 10.92 -2.10 -26.08
CA ALA A 193 9.71 -1.31 -25.88
C ALA A 193 9.22 -1.47 -24.43
N PHE A 194 8.38 -0.56 -23.99
CA PHE A 194 7.79 -0.65 -22.62
C PHE A 194 6.37 -0.14 -22.67
N MET A 195 5.63 -0.44 -21.61
CA MET A 195 4.32 0.14 -21.33
C MET A 195 4.38 0.70 -19.92
N ILE A 196 3.65 1.77 -19.67
CA ILE A 196 3.47 2.29 -18.29
C ILE A 196 2.20 1.65 -17.74
N THR A 197 2.40 0.59 -16.95
CA THR A 197 1.34 -0.36 -16.52
C THR A 197 0.59 0.14 -15.30
N GLU A 198 1.07 1.23 -14.67
CA GLU A 198 0.32 2.02 -13.68
C GLU A 198 0.85 3.43 -13.76
N TRP A 199 -0.05 4.37 -13.88
CA TRP A 199 0.31 5.81 -13.80
C TRP A 199 -0.95 6.54 -13.40
N GLY A 200 -0.77 7.71 -12.81
CA GLY A 200 -1.90 8.46 -12.31
C GLY A 200 -1.50 9.89 -12.04
N PRO A 201 -2.28 10.52 -11.15
CA PRO A 201 -2.16 11.94 -10.92
C PRO A 201 -1.17 12.23 -9.79
N THR A 202 -1.11 13.50 -9.44
CA THR A 202 -0.15 14.01 -8.44
C THR A 202 -0.28 13.26 -7.14
N GLY A 203 0.84 12.80 -6.59
CA GLY A 203 0.87 12.20 -5.25
C GLY A 203 0.71 13.22 -4.15
N TRP A 204 0.18 12.79 -3.01
CA TRP A 204 0.01 13.62 -1.80
C TRP A 204 1.39 13.93 -1.21
N TRP A 205 2.44 13.28 -1.70
CA TRP A 205 3.82 13.65 -1.27
C TRP A 205 4.41 14.73 -2.18
N GLU A 206 3.72 15.06 -3.27
CA GLU A 206 4.20 16.03 -4.29
C GLU A 206 3.58 17.41 -4.08
N THR A 207 2.47 17.53 -3.36
CA THR A 207 1.67 18.78 -3.28
C THR A 207 2.16 19.65 -2.12
N ALA A 208 1.75 20.92 -2.10
CA ALA A 208 1.78 21.79 -0.91
C ALA A 208 0.99 21.11 0.22
N SER A 209 1.23 21.50 1.47
CA SER A 209 0.46 21.00 2.62
C SER A 209 0.18 22.18 3.54
N THR A 210 -0.80 22.05 4.42
CA THR A 210 -1.13 23.12 5.38
C THR A 210 -0.06 23.13 6.46
N GLU A 211 -0.14 24.09 7.39
N GLU A 211 -0.14 24.13 7.36
CA GLU A 211 0.83 24.22 8.52
CA GLU A 211 0.78 24.26 8.51
C GLU A 211 0.69 23.01 9.45
C GLU A 211 0.72 22.96 9.33
N TRP A 212 -0.46 22.34 9.44
CA TRP A 212 -0.65 21.11 10.24
C TRP A 212 -0.44 19.85 9.36
N LYS A 213 0.16 19.98 8.18
CA LYS A 213 0.73 18.86 7.37
C LYS A 213 -0.37 18.15 6.56
N ALA A 214 -1.55 18.75 6.40
CA ALA A 214 -2.62 18.15 5.55
C ALA A 214 -2.25 18.43 4.10
N PRO A 215 -2.10 17.41 3.24
CA PRO A 215 -1.75 17.64 1.84
C PRO A 215 -2.92 18.36 1.17
N ILE A 216 -2.62 19.42 0.41
CA ILE A 216 -3.63 20.20 -0.35
C ILE A 216 -3.95 19.47 -1.65
N GLU A 217 -5.20 19.04 -1.78
CA GLU A 217 -5.67 18.23 -2.93
C GLU A 217 -6.06 19.15 -4.07
N GLN A 218 -5.67 18.75 -5.27
CA GLN A 218 -6.05 19.49 -6.48
C GLN A 218 -7.57 19.40 -6.63
N THR A 219 -8.14 20.41 -7.23
CA THR A 219 -9.52 20.40 -7.75
C THR A 219 -9.59 19.37 -8.88
N SER A 220 -10.78 18.97 -9.25
CA SER A 220 -10.98 18.06 -10.40
C SER A 220 -10.49 18.74 -11.68
N GLU A 221 -10.55 20.08 -11.77
CA GLU A 221 -10.03 20.79 -12.98
C GLU A 221 -8.50 20.65 -13.01
N GLU A 222 -7.84 20.82 -11.88
CA GLU A 222 -6.35 20.68 -11.84
C GLU A 222 -5.99 19.22 -12.13
N LYS A 223 -6.78 18.26 -11.63
CA LYS A 223 -6.46 16.83 -11.87
C LYS A 223 -6.62 16.54 -13.35
N ARG A 224 -7.69 17.04 -13.96
CA ARG A 224 -7.92 16.90 -15.41
C ARG A 224 -6.66 17.34 -16.16
N GLN A 225 -6.13 18.52 -15.83
CA GLN A 225 -4.93 19.07 -16.50
C GLN A 225 -3.73 18.14 -16.28
N VAL A 226 -3.57 17.61 -15.07
CA VAL A 226 -2.45 16.69 -14.72
C VAL A 226 -2.53 15.39 -15.52
N TYR A 227 -3.70 14.77 -15.59
CA TYR A 227 -3.84 13.51 -16.37
C TYR A 227 -3.48 13.79 -17.83
N GLU A 228 -4.02 14.87 -18.40
CA GLU A 228 -3.76 15.24 -19.82
C GLU A 228 -2.28 15.52 -20.04
N GLU A 229 -1.66 16.31 -19.17
CA GLU A 229 -0.23 16.70 -19.29
C GLU A 229 0.68 15.47 -19.19
N ARG A 230 0.47 14.60 -18.19
CA ARG A 230 1.32 13.42 -17.99
C ARG A 230 1.21 12.49 -19.21
N TYR A 231 0.01 12.26 -19.69
CA TYR A 231 -0.22 11.41 -20.88
C TYR A 231 0.48 12.02 -22.10
N THR A 232 0.23 13.29 -22.35
CA THR A 232 0.72 13.97 -23.58
C THR A 232 2.23 14.10 -23.56
N GLN A 233 2.82 14.51 -22.43
CA GLN A 233 4.29 14.73 -22.35
C GLN A 233 5.05 13.42 -22.24
N TYR A 234 4.59 12.42 -21.46
CA TYR A 234 5.45 11.32 -20.99
C TYR A 234 5.05 9.98 -21.60
N ILE A 235 3.82 9.84 -22.09
CA ILE A 235 3.34 8.51 -22.54
C ILE A 235 3.36 8.56 -24.08
N SER A 236 2.45 9.31 -24.69
N SER A 236 2.43 9.31 -24.66
CA SER A 236 2.30 9.35 -26.16
CA SER A 236 2.26 9.49 -26.13
C SER A 236 3.56 9.96 -26.81
C SER A 236 3.58 9.92 -26.77
N ALA A 237 4.30 10.82 -26.11
CA ALA A 237 5.53 11.45 -26.66
C ALA A 237 6.72 10.49 -26.67
N ASN A 238 6.68 9.39 -25.91
CA ASN A 238 7.85 8.51 -25.74
C ASN A 238 7.75 7.43 -26.82
N THR A 239 8.62 7.44 -27.83
CA THR A 239 8.43 6.52 -28.98
C THR A 239 8.79 5.08 -28.62
N ARG A 240 9.40 4.83 -27.44
CA ARG A 240 9.62 3.45 -26.93
C ARG A 240 8.41 2.95 -26.13
N CYS A 241 7.46 3.85 -25.82
CA CYS A 241 6.26 3.52 -25.02
C CYS A 241 5.15 3.08 -25.97
N LEU A 242 4.60 1.89 -25.75
CA LEU A 242 3.55 1.31 -26.61
C LEU A 242 2.16 1.57 -26.02
N GLY A 243 2.08 2.09 -24.81
CA GLY A 243 0.80 2.43 -24.21
C GLY A 243 0.86 2.31 -22.70
N SER A 244 -0.30 2.36 -22.07
CA SER A 244 -0.39 2.68 -20.65
C SER A 244 -1.71 2.20 -20.09
N PHE A 245 -1.74 2.08 -18.75
CA PHE A 245 -2.92 1.70 -17.95
C PHE A 245 -3.06 2.73 -16.83
N VAL A 246 -4.10 3.54 -16.89
CA VAL A 246 -4.31 4.68 -15.95
C VAL A 246 -4.93 4.18 -14.66
N PHE A 247 -4.66 4.88 -13.57
CA PHE A 247 -5.26 4.66 -12.23
C PHE A 247 -5.70 5.99 -11.62
N LEU A 248 -6.61 5.91 -10.65
CA LEU A 248 -7.37 4.71 -10.32
C LEU A 248 -8.69 4.79 -11.04
N TRP A 249 -8.91 3.88 -11.99
CA TRP A 249 -10.16 3.86 -12.77
C TRP A 249 -11.20 3.18 -11.91
N GLY A 250 -11.74 3.96 -10.98
CA GLY A 250 -12.52 3.43 -9.84
C GLY A 250 -12.37 4.36 -8.66
N GLN A 251 -12.62 3.87 -7.47
CA GLN A 251 -12.55 4.71 -6.25
C GLN A 251 -11.99 3.86 -5.13
N LYS A 252 -11.11 4.45 -4.34
CA LYS A 252 -10.51 3.79 -3.17
C LYS A 252 -10.02 4.88 -2.24
N GLU A 253 -10.13 4.68 -0.93
CA GLU A 253 -9.60 5.64 0.06
C GLU A 253 -8.08 5.69 -0.06
N GLU A 254 -7.51 6.86 -0.28
CA GLU A 254 -6.04 7.06 -0.41
C GLU A 254 -5.72 8.47 0.08
N ARG A 255 -5.57 8.63 1.37
CA ARG A 255 -5.45 9.93 2.09
C ARG A 255 -6.80 10.63 2.18
N THR A 256 -7.52 10.76 1.06
CA THR A 256 -8.92 11.22 0.98
C THR A 256 -9.71 10.28 0.09
N PRO A 257 -11.07 10.33 0.09
CA PRO A 257 -11.87 9.51 -0.80
C PRO A 257 -11.65 9.87 -2.29
N THR A 258 -11.10 11.05 -2.58
CA THR A 258 -11.07 11.58 -3.95
C THR A 258 -9.64 11.59 -4.54
N TRP A 259 -8.60 11.44 -3.74
CA TRP A 259 -7.21 11.80 -4.11
C TRP A 259 -6.86 11.30 -5.51
N PHE A 260 -6.90 10.00 -5.75
CA PHE A 260 -6.55 9.44 -7.08
C PHE A 260 -7.73 8.74 -7.73
N SER A 261 -8.93 8.94 -7.21
CA SER A 261 -10.15 8.25 -7.69
C SER A 261 -10.75 8.98 -8.91
N MET A 262 -10.92 8.27 -10.01
CA MET A 262 -11.47 8.85 -11.25
C MET A 262 -13.01 8.76 -11.25
N PHE A 263 -13.58 7.99 -10.34
CA PHE A 263 -15.04 7.95 -10.05
C PHE A 263 -15.18 8.34 -8.58
N VAL A 264 -16.31 8.97 -8.24
CA VAL A 264 -16.63 9.27 -6.83
C VAL A 264 -17.25 8.02 -6.20
N GLU A 265 -17.45 8.04 -4.90
CA GLU A 265 -18.02 6.88 -4.16
C GLU A 265 -19.46 6.57 -4.57
N ASP A 266 -19.87 5.35 -4.27
CA ASP A 266 -21.20 4.78 -4.60
C ASP A 266 -21.70 4.05 -3.35
N LYS A 267 -22.98 4.10 -3.02
CA LYS A 267 -23.51 3.43 -1.77
C LYS A 267 -22.57 3.63 -0.53
N VAL A 268 -22.13 4.84 -0.20
CA VAL A 268 -21.65 5.21 1.17
C VAL A 268 -22.90 5.65 1.93
N ASP A 269 -23.05 5.20 3.18
CA ASP A 269 -24.28 5.52 3.99
C ASP A 269 -24.44 7.05 4.06
N SER A 270 -25.64 7.54 3.77
CA SER A 270 -26.07 8.95 3.96
C SER A 270 -25.17 9.90 3.15
N LEU A 271 -24.63 9.41 2.02
CA LEU A 271 -23.91 10.24 1.00
C LEU A 271 -24.56 9.95 -0.35
N PRO A 272 -25.29 10.92 -0.95
CA PRO A 272 -26.07 10.65 -2.17
C PRO A 272 -25.23 10.77 -3.46
N LEU A 273 -24.04 10.17 -3.48
CA LEU A 273 -23.26 10.00 -4.71
C LEU A 273 -23.51 8.59 -5.22
N LYS A 274 -23.40 8.41 -6.51
CA LYS A 274 -23.73 7.13 -7.20
C LYS A 274 -22.59 6.76 -8.15
N GLY A 275 -21.34 7.01 -7.78
CA GLY A 275 -20.19 6.56 -8.58
C GLY A 275 -20.09 7.32 -9.87
N GLU A 276 -20.51 8.59 -9.88
CA GLU A 276 -20.42 9.45 -11.10
C GLU A 276 -18.97 9.52 -11.61
N LYS A 277 -18.82 9.63 -12.94
CA LYS A 277 -17.52 9.96 -13.57
C LYS A 277 -17.18 11.43 -13.31
N THR A 278 -15.93 11.78 -13.52
CA THR A 278 -15.30 13.06 -13.12
C THR A 278 -14.63 13.68 -14.34
N PRO A 279 -14.11 14.92 -14.21
CA PRO A 279 -13.24 15.55 -15.20
C PRO A 279 -11.98 14.72 -15.51
N MET A 280 -11.60 13.81 -14.60
CA MET A 280 -10.41 12.95 -14.85
C MET A 280 -10.77 11.89 -15.90
N VAL A 281 -12.01 11.43 -15.92
CA VAL A 281 -12.49 10.55 -17.02
C VAL A 281 -12.53 11.35 -18.33
N GLU A 282 -13.03 12.59 -18.30
CA GLU A 282 -13.06 13.50 -19.48
C GLU A 282 -11.64 13.66 -20.02
N ALA A 283 -10.68 13.84 -19.12
CA ALA A 283 -9.25 13.99 -19.51
C ALA A 283 -8.81 12.80 -20.36
N MET A 284 -9.18 11.59 -19.95
CA MET A 284 -8.70 10.39 -20.67
C MET A 284 -9.46 10.30 -21.99
N GLN A 285 -10.74 10.65 -22.03
CA GLN A 285 -11.44 10.61 -23.33
C GLN A 285 -10.74 11.57 -24.31
N ARG A 286 -10.38 12.74 -23.85
CA ARG A 286 -9.72 13.78 -24.68
C ARG A 286 -8.41 13.23 -25.23
N VAL A 287 -7.55 12.67 -24.39
CA VAL A 287 -6.21 12.24 -24.86
C VAL A 287 -6.28 10.89 -25.58
N TRP A 288 -7.19 9.99 -25.20
CA TRP A 288 -7.32 8.69 -25.89
C TRP A 288 -7.86 8.91 -27.31
N THR A 289 -8.90 9.71 -27.48
CA THR A 289 -9.63 9.90 -28.77
C THR A 289 -8.88 10.90 -29.64
N GLY A 290 -8.15 11.83 -29.03
CA GLY A 290 -7.53 12.97 -29.71
C GLY A 290 -8.55 13.91 -30.29
N LYS A 291 -9.79 13.88 -29.79
CA LYS A 291 -10.94 14.65 -30.34
C LYS A 291 -11.55 15.46 -29.19
N GLU A 292 -12.18 16.58 -29.53
CA GLU A 292 -12.85 17.42 -28.51
C GLU A 292 -14.16 16.71 -28.15
N LEU A 293 -14.70 17.05 -26.98
CA LEU A 293 -15.84 16.36 -26.35
C LEU A 293 -17.10 17.23 -26.53
N ASP A 294 -18.22 16.57 -26.81
CA ASP A 294 -19.59 17.15 -26.77
C ASP A 294 -19.94 17.59 -25.34
N GLU A 295 -19.84 16.67 -24.38
CA GLU A 295 -20.20 16.90 -22.96
C GLU A 295 -18.92 17.09 -22.14
N THR A 296 -18.81 18.16 -21.36
CA THR A 296 -17.70 18.31 -20.38
C THR A 296 -18.27 18.59 -18.98
N ALA A 297 -17.51 18.21 -17.97
CA ALA A 297 -17.92 18.34 -16.56
C ALA A 297 -17.81 19.80 -16.14
N PRO A 298 -18.48 20.18 -15.04
CA PRO A 298 -18.31 21.50 -14.45
C PRO A 298 -16.84 21.76 -14.14
N ILE A 299 -16.36 22.97 -14.46
CA ILE A 299 -14.95 23.38 -14.24
C ILE A 299 -14.88 24.06 -12.89
N VAL A 300 -14.29 23.38 -11.91
CA VAL A 300 -14.12 23.95 -10.55
C VAL A 300 -12.87 24.85 -10.55
N ARG A 301 -13.04 26.16 -10.35
CA ARG A 301 -11.90 27.13 -10.35
C ARG A 301 -11.30 27.23 -8.95
N GLY A 302 -12.05 26.91 -7.91
CA GLY A 302 -11.52 27.08 -6.55
C GLY A 302 -12.58 26.94 -5.49
N MET A 303 -12.14 27.05 -4.24
CA MET A 303 -12.99 26.78 -3.10
C MET A 303 -12.47 27.58 -1.91
N THR A 304 -13.38 28.16 -1.16
CA THR A 304 -13.00 29.00 -0.01
C THR A 304 -13.86 28.64 1.19
N ILE A 305 -13.29 28.89 2.35
CA ILE A 305 -14.03 29.08 3.62
C ILE A 305 -13.79 30.51 4.11
N ASP A 306 -14.86 31.27 4.33
CA ASP A 306 -14.80 32.70 4.76
C ASP A 306 -13.81 33.46 3.88
N GLY A 307 -13.83 33.21 2.57
CA GLY A 307 -13.02 33.93 1.57
C GLY A 307 -11.58 33.47 1.49
N LYS A 308 -11.17 32.50 2.32
CA LYS A 308 -9.77 31.99 2.38
C LYS A 308 -9.66 30.64 1.65
N SER A 309 -8.53 30.40 0.99
CA SER A 309 -8.21 29.16 0.21
C SER A 309 -7.40 28.16 1.07
N ALA A 310 -7.22 26.94 0.58
CA ALA A 310 -6.52 25.86 1.32
C ALA A 310 -5.12 26.33 1.73
N ILE A 311 -4.45 27.05 0.85
CA ILE A 311 -3.02 27.45 1.10
C ILE A 311 -2.97 28.47 2.25
N ASP A 312 -4.09 29.08 2.62
CA ASP A 312 -4.14 30.16 3.64
C ASP A 312 -4.19 29.60 5.06
N ASN A 313 -4.22 28.28 5.27
CA ASN A 313 -4.19 27.65 6.61
C ASN A 313 -5.45 28.07 7.39
N VAL A 314 -6.62 27.72 6.86
CA VAL A 314 -7.93 28.18 7.38
C VAL A 314 -8.09 27.68 8.79
N ARG A 315 -8.30 28.57 9.75
CA ARG A 315 -8.58 28.20 11.15
C ARG A 315 -9.88 28.84 11.61
N ILE A 316 -10.76 28.05 12.19
CA ILE A 316 -12.12 28.53 12.58
C ILE A 316 -12.27 28.27 14.07
N LYS A 317 -12.84 29.22 14.82
CA LYS A 317 -13.16 28.97 16.25
C LYS A 317 -14.26 27.91 16.39
N ALA A 318 -14.08 26.95 17.29
CA ALA A 318 -15.10 25.96 17.68
C ALA A 318 -16.45 26.66 17.92
N GLY A 319 -17.55 26.08 17.44
CA GLY A 319 -18.91 26.56 17.73
C GLY A 319 -19.29 27.83 16.96
N THR A 320 -18.57 28.16 15.89
CA THR A 320 -18.89 29.34 15.02
C THR A 320 -19.20 28.86 13.59
N LEU A 321 -20.24 29.43 13.00
CA LEU A 321 -20.59 29.16 11.60
C LEU A 321 -19.50 29.73 10.70
N PHE A 322 -19.20 29.02 9.61
CA PHE A 322 -18.33 29.49 8.53
C PHE A 322 -19.03 29.23 7.20
N LYS A 323 -18.68 30.01 6.19
CA LYS A 323 -19.35 29.98 4.86
C LYS A 323 -18.36 29.48 3.82
N ALA A 324 -18.66 28.33 3.21
CA ALA A 324 -17.84 27.75 2.14
C ALA A 324 -18.45 28.21 0.82
N GLU A 325 -17.63 28.42 -0.18
CA GLU A 325 -18.11 28.73 -1.54
C GLU A 325 -17.27 27.95 -2.52
N VAL A 326 -17.88 27.38 -3.56
CA VAL A 326 -17.10 26.71 -4.63
C VAL A 326 -17.31 27.52 -5.93
N SER A 327 -16.22 27.90 -6.57
CA SER A 327 -16.29 28.71 -7.81
C SER A 327 -16.32 27.74 -8.99
N VAL A 328 -17.36 27.85 -9.83
CA VAL A 328 -17.56 26.99 -11.01
C VAL A 328 -17.71 27.87 -12.25
N THR A 329 -17.01 27.57 -13.34
CA THR A 329 -17.13 28.35 -14.61
C THR A 329 -18.55 28.16 -15.14
N ASP A 330 -19.32 29.25 -15.30
CA ASP A 330 -20.81 29.25 -15.46
C ASP A 330 -21.15 28.64 -16.83
N LYS A 331 -22.14 27.74 -16.89
CA LYS A 331 -22.57 27.02 -18.13
C LYS A 331 -24.05 26.63 -18.04
N SER A 335 -28.35 24.56 -13.66
CA SER A 335 -29.00 23.48 -12.87
C SER A 335 -27.96 22.54 -12.24
N LEU A 336 -26.93 23.08 -11.61
CA LEU A 336 -25.94 22.31 -10.79
C LEU A 336 -26.52 22.01 -9.41
N ALA A 337 -26.14 20.86 -8.82
CA ALA A 337 -26.39 20.52 -7.41
C ALA A 337 -25.05 20.33 -6.70
N TYR A 338 -25.01 20.65 -5.42
CA TYR A 338 -23.78 20.68 -4.62
C TYR A 338 -23.97 19.78 -3.42
N VAL A 339 -23.03 18.86 -3.25
CA VAL A 339 -23.04 17.92 -2.11
C VAL A 339 -21.84 18.27 -1.24
N TRP A 340 -22.08 18.48 0.05
CA TRP A 340 -21.06 18.98 1.00
C TRP A 340 -20.87 17.97 2.11
N GLU A 341 -19.63 17.63 2.44
CA GLU A 341 -19.34 16.67 3.52
C GLU A 341 -18.09 17.12 4.27
N VAL A 342 -18.14 17.13 5.59
CA VAL A 342 -16.94 17.34 6.43
C VAL A 342 -16.46 16.00 6.98
N LEU A 343 -15.22 15.66 6.68
CA LEU A 343 -14.54 14.52 7.34
C LEU A 343 -13.41 15.05 8.21
N LYS A 344 -13.08 14.26 9.23
CA LYS A 344 -11.78 14.37 9.92
C LYS A 344 -10.66 14.21 8.90
N GLU A 345 -9.57 14.95 9.12
CA GLU A 345 -8.30 14.69 8.41
C GLU A 345 -7.92 13.24 8.71
N ALA A 346 -7.52 12.48 7.68
CA ALA A 346 -7.20 11.04 7.80
C ALA A 346 -6.00 10.88 8.74
N THR A 347 -6.09 9.97 9.70
CA THR A 347 -4.98 9.63 10.62
C THR A 347 -4.61 8.14 10.53
N VAL A 348 -5.45 7.31 9.91
CA VAL A 348 -5.12 5.87 9.69
C VAL A 348 -4.73 5.68 8.21
N LEU A 349 -3.44 5.74 7.89
CA LEU A 349 -2.95 5.64 6.49
C LEU A 349 -2.32 4.28 6.23
N GLY A 350 -2.26 3.89 4.94
CA GLY A 350 -1.50 2.74 4.42
C GLY A 350 -0.08 2.81 4.96
N PHE A 351 0.32 1.83 5.75
CA PHE A 351 1.66 1.79 6.40
C PHE A 351 2.17 0.39 6.18
N GLY A 352 2.70 0.13 4.97
CA GLY A 352 3.16 -1.21 4.58
C GLY A 352 1.98 -2.07 4.14
N GLY A 353 0.77 -1.51 4.19
CA GLY A 353 -0.45 -2.07 3.58
C GLY A 353 -1.04 -1.10 2.57
N SER A 354 -2.12 -1.51 1.91
CA SER A 354 -2.78 -0.74 0.82
C SER A 354 -4.03 -0.02 1.35
N TYR A 355 -4.84 -0.73 2.15
CA TYR A 355 -6.22 -0.34 2.50
C TYR A 355 -6.26 0.57 3.73
N GLU A 356 -7.12 1.59 3.64
CA GLU A 356 -7.31 2.65 4.64
C GLU A 356 -8.80 2.78 4.90
N PRO A 357 -9.21 2.93 6.16
CA PRO A 357 -10.61 3.16 6.49
C PRO A 357 -11.00 4.57 6.06
N ARG A 358 -12.29 4.77 5.76
CA ARG A 358 -12.84 6.10 5.44
C ARG A 358 -12.80 6.94 6.70
N PRO A 359 -12.20 8.14 6.67
CA PRO A 359 -12.18 8.98 7.85
C PRO A 359 -13.61 9.33 8.30
N GLU A 360 -13.76 9.60 9.58
CA GLU A 360 -15.06 9.82 10.22
C GLU A 360 -15.72 11.09 9.71
N ARG A 361 -17.01 11.04 9.51
CA ARG A 361 -17.82 12.21 9.09
C ARG A 361 -18.17 13.04 10.33
N MET A 362 -18.08 14.36 10.21
CA MET A 362 -18.56 15.31 11.24
C MET A 362 -19.95 15.79 10.80
N GLY A 363 -20.94 15.66 11.66
CA GLY A 363 -22.31 16.08 11.29
C GLY A 363 -22.84 15.27 10.13
N ASP A 364 -23.69 15.88 9.32
CA ASP A 364 -24.45 15.20 8.24
C ASP A 364 -24.04 15.80 6.91
N VAL A 365 -24.20 15.03 5.84
CA VAL A 365 -24.00 15.56 4.47
C VAL A 365 -25.10 16.58 4.16
N ALA A 366 -24.76 17.61 3.38
CA ALA A 366 -25.70 18.63 2.91
C ALA A 366 -25.75 18.60 1.39
N VAL A 367 -26.93 18.89 0.84
CA VAL A 367 -27.11 19.12 -0.61
C VAL A 367 -27.71 20.52 -0.78
N SER A 368 -27.21 21.30 -1.72
CA SER A 368 -27.71 22.67 -1.97
C SER A 368 -27.91 22.89 -3.47
N ASP A 369 -28.76 23.84 -3.87
CA ASP A 369 -28.94 24.31 -5.27
C ASP A 369 -27.97 25.46 -5.57
N LYS A 370 -27.32 26.07 -4.58
CA LYS A 370 -26.38 27.20 -4.76
C LYS A 370 -24.98 26.76 -4.27
N ASN A 371 -23.96 27.47 -4.73
CA ASN A 371 -22.50 27.14 -4.60
C ASN A 371 -21.94 27.57 -3.24
N VAL A 372 -22.79 27.66 -2.20
CA VAL A 372 -22.37 28.09 -0.85
C VAL A 372 -22.98 27.16 0.18
N TYR A 373 -22.32 27.04 1.33
CA TYR A 373 -22.74 26.09 2.39
C TYR A 373 -22.25 26.70 3.70
N GLU A 374 -23.09 26.66 4.74
CA GLU A 374 -22.72 27.18 6.08
C GLU A 374 -22.90 26.06 7.09
N THR A 375 -21.91 25.87 7.95
CA THR A 375 -22.00 24.92 9.09
C THR A 375 -21.05 25.37 10.17
N MET A 376 -21.08 24.68 11.30
CA MET A 376 -20.12 24.88 12.40
C MET A 376 -19.62 23.52 12.89
N ILE A 377 -18.42 23.53 13.44
CA ILE A 377 -17.82 22.34 14.09
C ILE A 377 -17.56 22.73 15.54
N LYS A 378 -17.97 21.88 16.47
CA LYS A 378 -17.90 22.19 17.93
C LYS A 378 -16.62 21.64 18.53
N VAL A 379 -15.97 20.67 17.86
CA VAL A 379 -14.81 19.91 18.39
C VAL A 379 -13.57 20.44 17.68
N PRO A 380 -12.61 21.01 18.44
CA PRO A 380 -11.31 21.36 17.87
C PRO A 380 -10.60 20.14 17.26
N GLY A 381 -9.86 20.39 16.18
CA GLY A 381 -9.22 19.31 15.40
C GLY A 381 -8.96 19.72 13.97
N GLU A 382 -8.58 18.75 13.15
N GLU A 382 -8.49 18.76 13.18
CA GLU A 382 -8.20 18.94 11.74
CA GLU A 382 -8.15 18.90 11.74
C GLU A 382 -9.26 18.25 10.90
C GLU A 382 -9.28 18.27 10.93
N TYR A 383 -9.82 19.00 9.95
CA TYR A 383 -10.96 18.56 9.12
C TYR A 383 -10.67 18.94 7.69
N ARG A 384 -11.53 18.42 6.84
CA ARG A 384 -11.54 18.73 5.42
C ARG A 384 -13.00 18.86 4.98
N LEU A 385 -13.32 19.97 4.31
CA LEU A 385 -14.65 20.14 3.71
C LEU A 385 -14.56 19.72 2.24
N TYR A 386 -15.39 18.75 1.86
CA TYR A 386 -15.52 18.26 0.47
C TYR A 386 -16.76 18.89 -0.17
N VAL A 387 -16.60 19.25 -1.45
CA VAL A 387 -17.76 19.60 -2.29
C VAL A 387 -17.71 18.75 -3.55
N TYR A 388 -18.88 18.32 -3.95
CA TYR A 388 -19.15 17.59 -5.20
C TYR A 388 -20.17 18.40 -5.99
N VAL A 389 -19.85 18.69 -7.24
CA VAL A 389 -20.69 19.54 -8.11
C VAL A 389 -21.25 18.62 -9.21
N LEU A 390 -22.55 18.35 -9.17
CA LEU A 390 -23.25 17.41 -10.07
C LEU A 390 -23.90 18.21 -11.19
N ASP A 391 -23.61 17.86 -12.45
CA ASP A 391 -24.43 18.38 -13.57
C ASP A 391 -25.57 17.36 -13.69
N ASN A 392 -26.37 17.45 -14.71
CA ASN A 392 -27.44 16.44 -14.82
C ASN A 392 -27.10 15.52 -15.98
N THR A 393 -25.83 15.32 -16.28
CA THR A 393 -25.41 14.47 -17.42
C THR A 393 -24.64 13.24 -16.91
N GLY A 394 -24.39 13.11 -15.60
CA GLY A 394 -23.69 11.98 -14.94
C GLY A 394 -22.23 12.31 -14.60
N PHE A 395 -21.79 13.55 -14.80
CA PHE A 395 -20.49 14.04 -14.32
C PHE A 395 -20.62 14.63 -12.91
N VAL A 396 -19.53 14.52 -12.16
CA VAL A 396 -19.39 15.18 -10.82
C VAL A 396 -17.99 15.78 -10.83
N SER A 397 -17.89 17.00 -10.35
CA SER A 397 -16.60 17.69 -10.19
C SER A 397 -16.35 17.90 -8.69
N THR A 398 -15.12 18.19 -8.32
CA THR A 398 -14.70 18.06 -6.91
C THR A 398 -13.76 19.19 -6.54
N ALA A 399 -13.78 19.54 -5.28
CA ALA A 399 -12.70 20.26 -4.58
C ALA A 399 -12.82 19.92 -3.09
N ASN A 400 -11.77 20.19 -2.34
CA ASN A 400 -11.88 20.12 -0.87
C ASN A 400 -10.93 21.11 -0.25
N ILE A 401 -11.18 21.44 1.00
CA ILE A 401 -10.33 22.41 1.72
C ILE A 401 -10.12 21.91 3.14
N PRO A 402 -8.85 21.73 3.52
CA PRO A 402 -8.49 21.36 4.88
C PRO A 402 -8.61 22.62 5.75
N PHE A 403 -9.09 22.45 6.97
CA PHE A 403 -9.22 23.56 7.92
C PHE A 403 -9.08 22.98 9.32
N GLN A 404 -8.70 23.86 10.24
CA GLN A 404 -8.48 23.51 11.66
C GLN A 404 -9.51 24.28 12.48
N VAL A 405 -10.18 23.58 13.38
CA VAL A 405 -11.11 24.19 14.36
C VAL A 405 -10.31 24.33 15.65
N ILE A 406 -10.24 25.55 16.18
CA ILE A 406 -9.38 25.87 17.36
C ILE A 406 -10.29 26.31 18.51
N ASP A 407 -9.89 26.08 19.75
CA ASP A 407 -10.54 26.73 20.91
C ASP A 407 -10.44 28.26 20.70
N GLY B 3 -8.39 -26.54 25.70
CA GLY B 3 -8.81 -25.57 26.74
C GLY B 3 -8.26 -24.18 26.50
N ILE B 4 -8.45 -23.64 25.28
CA ILE B 4 -8.27 -22.19 24.94
C ILE B 4 -9.58 -21.46 25.25
N VAL B 5 -9.57 -20.67 26.30
CA VAL B 5 -10.79 -20.00 26.85
C VAL B 5 -10.49 -18.51 27.03
N ILE B 6 -11.41 -17.65 26.59
CA ILE B 6 -11.48 -16.22 26.96
C ILE B 6 -12.56 -16.06 28.03
N GLU B 7 -12.20 -15.54 29.21
CA GLU B 7 -13.16 -15.36 30.34
C GLU B 7 -13.19 -13.88 30.73
N LYS B 8 -14.36 -13.40 31.18
CA LYS B 8 -14.49 -12.09 31.87
C LYS B 8 -13.62 -12.19 33.12
N ALA B 9 -12.94 -11.11 33.50
CA ALA B 9 -12.04 -11.02 34.68
C ALA B 9 -12.66 -10.12 35.75
N GLY B 12 -12.16 -6.29 32.34
CA GLY B 12 -12.04 -6.76 30.95
C GLY B 12 -12.00 -8.29 30.84
N TYR B 13 -10.96 -8.84 30.23
CA TYR B 13 -10.91 -10.27 29.80
C TYR B 13 -9.50 -10.84 30.01
N LYS B 14 -9.43 -12.16 30.15
CA LYS B 14 -8.16 -12.94 30.29
C LYS B 14 -8.28 -14.12 29.34
N LEU B 15 -7.15 -14.51 28.75
CA LEU B 15 -7.04 -15.71 27.88
C LEU B 15 -6.32 -16.81 28.67
N SER B 16 -6.83 -18.02 28.62
CA SER B 16 -6.17 -19.22 29.22
C SER B 16 -6.00 -20.31 28.18
N ILE B 17 -4.86 -20.99 28.19
CA ILE B 17 -4.48 -22.12 27.28
C ILE B 17 -4.22 -23.38 28.13
N ASP B 18 -5.20 -24.28 28.19
CA ASP B 18 -5.13 -25.54 28.99
C ASP B 18 -4.83 -25.16 30.44
N GLY B 19 -5.59 -24.20 30.97
CA GLY B 19 -5.55 -23.76 32.37
C GLY B 19 -4.58 -22.61 32.62
N ARG B 20 -3.68 -22.32 31.67
CA ARG B 20 -2.52 -21.41 31.89
C ARG B 20 -2.83 -20.02 31.29
N GLU B 21 -3.11 -19.02 32.13
CA GLU B 21 -3.34 -17.62 31.69
C GLU B 21 -2.14 -17.17 30.84
N THR B 22 -2.37 -16.79 29.57
CA THR B 22 -1.30 -16.46 28.60
C THR B 22 -1.61 -15.13 27.94
N TYR B 23 -0.63 -14.23 27.90
CA TYR B 23 -0.75 -12.97 27.14
C TYR B 23 -0.14 -13.24 25.77
N ILE B 24 -0.75 -12.72 24.70
CA ILE B 24 -0.25 -12.97 23.34
C ILE B 24 0.79 -11.90 23.01
N LYS B 25 2.05 -12.32 22.97
CA LYS B 25 3.23 -11.47 22.75
C LYS B 25 3.74 -11.79 21.34
N GLY B 26 3.16 -11.11 20.35
CA GLY B 26 3.29 -11.55 18.95
C GLY B 26 4.09 -10.65 18.04
N VAL B 27 4.53 -11.26 16.94
CA VAL B 27 5.11 -10.57 15.77
C VAL B 27 4.24 -10.86 14.57
N GLY B 28 4.13 -9.89 13.67
CA GLY B 28 3.53 -10.09 12.35
C GLY B 28 4.49 -10.86 11.47
N GLY B 29 4.06 -12.00 10.89
CA GLY B 29 4.84 -12.76 9.89
C GLY B 29 5.84 -13.75 10.51
N THR B 30 6.79 -14.22 9.73
CA THR B 30 7.67 -15.37 10.09
C THR B 30 9.16 -15.06 9.90
N TYR B 31 9.55 -13.79 9.89
CA TYR B 31 10.96 -13.40 9.74
C TYR B 31 11.69 -13.57 11.07
N ARG B 32 12.85 -14.24 11.06
CA ARG B 32 13.75 -14.38 12.24
C ARG B 32 12.91 -14.69 13.48
N LEU B 33 12.13 -15.78 13.47
CA LEU B 33 11.39 -16.19 14.69
C LEU B 33 12.38 -16.68 15.76
N ASP B 34 13.61 -17.07 15.37
CA ASP B 34 14.69 -17.38 16.34
C ASP B 34 14.86 -16.17 17.25
N ILE B 35 15.00 -14.98 16.66
CA ILE B 35 15.20 -13.74 17.44
C ILE B 35 13.94 -13.40 18.20
N ALA B 36 12.74 -13.58 17.61
CA ALA B 36 11.46 -13.35 18.33
C ALA B 36 11.44 -14.18 19.62
N ALA B 37 11.65 -15.48 19.47
CA ALA B 37 11.68 -16.45 20.59
C ALA B 37 12.74 -16.01 21.61
N GLN B 38 13.97 -15.71 21.16
CA GLN B 38 15.08 -15.26 22.06
C GLN B 38 14.62 -13.98 22.81
N SER B 39 13.74 -13.16 22.22
CA SER B 39 13.29 -11.85 22.76
C SER B 39 12.09 -11.99 23.70
N GLY B 40 11.52 -13.20 23.80
CA GLY B 40 10.36 -13.48 24.66
C GLY B 40 9.00 -13.34 23.97
N ALA B 41 8.94 -13.31 22.64
CA ALA B 41 7.66 -13.42 21.89
C ALA B 41 7.16 -14.85 22.07
N ASN B 42 5.86 -15.04 22.17
CA ASN B 42 5.26 -16.41 22.23
C ASN B 42 4.27 -16.64 21.09
N ALA B 43 4.26 -15.78 20.05
CA ALA B 43 3.24 -15.93 18.99
C ALA B 43 3.61 -15.19 17.70
N PHE B 44 3.00 -15.63 16.60
CA PHE B 44 3.08 -14.89 15.34
C PHE B 44 1.75 -15.03 14.60
N ARG B 45 1.53 -14.07 13.71
CA ARG B 45 0.30 -13.97 12.90
C ARG B 45 0.70 -14.18 11.43
N THR B 46 -0.08 -14.96 10.70
CA THR B 46 0.01 -15.10 9.24
C THR B 46 -1.32 -14.68 8.58
N TRP B 47 -1.29 -14.37 7.29
CA TRP B 47 -2.47 -13.82 6.55
C TRP B 47 -3.17 -14.93 5.76
N GLY B 48 -2.44 -15.94 5.33
CA GLY B 48 -3.02 -17.01 4.50
C GLY B 48 -2.12 -18.23 4.43
N GLY B 49 -2.37 -19.07 3.44
CA GLY B 49 -1.67 -20.34 3.24
C GLY B 49 -2.63 -21.49 2.98
N ASN B 50 -2.19 -22.43 2.15
CA ASN B 50 -2.90 -23.69 1.91
C ASN B 50 -2.46 -24.66 3.01
N VAL B 51 -2.96 -25.88 2.96
CA VAL B 51 -2.68 -26.88 4.02
C VAL B 51 -1.16 -27.02 4.17
N GLU B 52 -0.41 -27.18 3.08
CA GLU B 52 1.04 -27.49 3.19
C GLU B 52 1.76 -26.29 3.80
N GLU B 53 1.37 -25.06 3.42
CA GLU B 53 2.02 -23.83 3.94
C GLU B 53 1.71 -23.69 5.45
N ILE B 54 0.48 -23.98 5.86
CA ILE B 54 0.08 -23.89 7.30
C ILE B 54 0.82 -24.97 8.10
N LYS B 55 0.93 -26.19 7.59
CA LYS B 55 1.75 -27.20 8.30
C LYS B 55 3.18 -26.67 8.53
N LYS B 56 3.78 -26.01 7.55
CA LYS B 56 5.13 -25.43 7.68
C LYS B 56 5.10 -24.34 8.77
N ASN B 57 4.13 -23.43 8.73
CA ASN B 57 3.98 -22.37 9.77
C ASN B 57 3.91 -23.04 11.16
N LEU B 58 3.09 -24.09 11.29
CA LEU B 58 2.83 -24.67 12.62
C LEU B 58 4.05 -25.48 13.08
N ALA B 59 4.86 -26.01 12.19
CA ALA B 59 6.12 -26.71 12.54
C ALA B 59 7.15 -25.69 13.03
N LEU B 60 7.26 -24.54 12.36
CA LEU B 60 8.13 -23.41 12.79
C LEU B 60 7.69 -22.96 14.19
N ALA B 61 6.37 -22.79 14.40
CA ALA B 61 5.85 -22.36 15.71
C ALA B 61 6.28 -23.38 16.76
N SER B 62 6.10 -24.68 16.45
CA SER B 62 6.43 -25.77 17.39
C SER B 62 7.92 -25.71 17.75
N GLU B 63 8.81 -25.55 16.76
CA GLU B 63 10.28 -25.46 16.99
C GLU B 63 10.57 -24.30 17.98
N HIS B 64 9.84 -23.19 17.89
CA HIS B 64 10.08 -21.97 18.70
C HIS B 64 9.19 -21.88 19.96
N ASN B 65 8.35 -22.88 20.24
CA ASN B 65 7.34 -22.86 21.35
C ASN B 65 6.45 -21.61 21.21
N MET B 66 5.97 -21.34 20.01
CA MET B 66 5.11 -20.16 19.78
C MET B 66 3.73 -20.62 19.33
N TYR B 67 2.74 -19.76 19.58
CA TYR B 67 1.35 -19.93 19.09
C TYR B 67 1.14 -19.17 17.76
N VAL B 68 0.18 -19.64 16.97
CA VAL B 68 -0.08 -19.04 15.65
C VAL B 68 -1.52 -18.52 15.63
N MET B 69 -1.68 -17.27 15.21
CA MET B 69 -2.96 -16.78 14.67
C MET B 69 -2.89 -16.93 13.16
N GLN B 70 -3.60 -17.91 12.63
CA GLN B 70 -3.49 -18.32 11.21
C GLN B 70 -4.63 -17.67 10.42
N GLY B 71 -4.27 -16.85 9.44
CA GLY B 71 -5.27 -16.17 8.59
C GLY B 71 -5.90 -17.10 7.56
N ILE B 72 -7.14 -16.78 7.19
CA ILE B 72 -7.87 -17.33 6.04
C ILE B 72 -8.25 -16.15 5.14
N GLY B 73 -7.75 -16.16 3.92
CA GLY B 73 -7.96 -15.06 2.95
C GLY B 73 -9.42 -14.99 2.51
N MET B 74 -10.02 -13.83 2.58
CA MET B 74 -11.39 -13.56 2.09
C MET B 74 -11.28 -12.51 0.98
N THR B 75 -12.19 -12.52 0.03
CA THR B 75 -12.16 -11.63 -1.17
C THR B 75 -12.57 -10.20 -0.78
N LYS B 76 -12.02 -9.24 -1.50
CA LYS B 76 -12.44 -7.81 -1.48
C LYS B 76 -13.40 -7.57 -2.67
N ASP B 77 -13.65 -8.58 -3.50
CA ASP B 77 -14.62 -8.48 -4.62
C ASP B 77 -16.01 -8.76 -4.03
N SER B 78 -16.70 -7.69 -3.60
N SER B 78 -16.71 -7.70 -3.60
CA SER B 78 -17.89 -7.74 -2.72
CA SER B 78 -17.89 -7.79 -2.69
C SER B 78 -19.02 -8.57 -3.34
C SER B 78 -19.04 -8.57 -3.33
N ILE B 79 -19.17 -8.54 -4.67
CA ILE B 79 -20.28 -9.26 -5.37
C ILE B 79 -20.16 -10.76 -5.11
N ARG B 80 -18.94 -11.27 -4.86
CA ARG B 80 -18.73 -12.72 -4.68
C ARG B 80 -19.47 -13.22 -3.42
N TYR B 81 -19.78 -12.34 -2.48
CA TYR B 81 -20.50 -12.75 -1.24
C TYR B 81 -21.97 -13.09 -1.53
N TYR B 82 -22.47 -12.84 -2.74
CA TYR B 82 -23.83 -13.28 -3.18
C TYR B 82 -23.72 -14.54 -4.01
N ASP B 83 -22.49 -14.99 -4.28
CA ASP B 83 -22.20 -16.07 -5.26
C ASP B 83 -22.07 -17.39 -4.51
N ASP B 84 -23.00 -18.34 -4.75
CA ASP B 84 -22.98 -19.64 -4.05
C ASP B 84 -21.75 -20.44 -4.47
N GLU B 85 -21.23 -20.26 -5.70
CA GLU B 85 -19.98 -20.91 -6.17
C GLU B 85 -18.82 -20.49 -5.26
N TYR B 86 -18.65 -19.18 -5.02
CA TYR B 86 -17.54 -18.63 -4.19
C TYR B 86 -17.72 -19.15 -2.77
N LYS B 87 -18.95 -19.06 -2.25
CA LYS B 87 -19.25 -19.39 -0.84
C LYS B 87 -19.08 -20.90 -0.65
N ASN B 88 -19.48 -21.74 -1.63
CA ASN B 88 -19.27 -23.21 -1.56
C ASN B 88 -17.78 -23.55 -1.57
N LYS B 89 -16.98 -22.89 -2.41
CA LYS B 89 -15.51 -23.08 -2.45
C LYS B 89 -14.90 -22.72 -1.08
N MET B 90 -15.28 -21.58 -0.51
CA MET B 90 -14.72 -21.14 0.78
C MET B 90 -15.18 -22.11 1.89
N ARG B 91 -16.40 -22.62 1.85
N ARG B 91 -16.43 -22.60 1.82
CA ARG B 91 -16.87 -23.56 2.91
CA ARG B 91 -17.00 -23.56 2.81
C ARG B 91 -16.06 -24.85 2.81
C ARG B 91 -16.13 -24.84 2.79
N GLU B 92 -15.80 -25.33 1.60
CA GLU B 92 -14.96 -26.56 1.39
C GLU B 92 -13.54 -26.31 1.88
N GLU B 93 -12.95 -25.15 1.58
CA GLU B 93 -11.58 -24.80 2.03
C GLU B 93 -11.52 -24.76 3.56
N VAL B 94 -12.46 -24.08 4.21
CA VAL B 94 -12.47 -23.87 5.69
C VAL B 94 -12.78 -25.20 6.39
N ARG B 95 -13.70 -26.01 5.85
CA ARG B 95 -13.93 -27.39 6.36
C ARG B 95 -12.58 -28.14 6.38
N LEU B 96 -11.85 -28.18 5.27
CA LEU B 96 -10.58 -28.94 5.16
C LEU B 96 -9.58 -28.43 6.21
N LEU B 97 -9.44 -27.10 6.36
CA LEU B 97 -8.47 -26.52 7.33
C LEU B 97 -8.85 -26.92 8.75
N ALA B 98 -10.13 -26.77 9.10
CA ALA B 98 -10.64 -27.09 10.45
C ALA B 98 -10.43 -28.59 10.72
N GLU B 99 -10.75 -29.46 9.77
CA GLU B 99 -10.59 -30.94 9.92
C GLU B 99 -9.11 -31.27 10.09
N THR B 100 -8.23 -30.64 9.31
CA THR B 100 -6.79 -30.97 9.31
C THR B 100 -6.13 -30.54 10.62
N PHE B 101 -6.45 -29.34 11.13
CA PHE B 101 -5.60 -28.68 12.15
C PHE B 101 -6.26 -28.63 13.52
N LYS B 102 -7.44 -29.25 13.70
CA LYS B 102 -8.22 -29.06 14.95
C LYS B 102 -7.42 -29.50 16.19
N ASN B 103 -6.46 -30.41 16.08
CA ASN B 103 -5.70 -30.95 17.24
C ASN B 103 -4.29 -30.36 17.32
N ASP B 104 -3.91 -29.47 16.40
CA ASP B 104 -2.56 -28.83 16.48
C ASP B 104 -2.51 -27.94 17.72
N THR B 105 -1.45 -28.05 18.54
CA THR B 105 -1.37 -27.28 19.80
C THR B 105 -0.49 -26.03 19.58
N SER B 106 0.07 -25.84 18.41
CA SER B 106 0.78 -24.57 18.08
C SER B 106 -0.24 -23.54 17.58
N LEU B 107 -1.20 -23.97 16.78
CA LEU B 107 -2.31 -23.11 16.31
C LEU B 107 -3.09 -22.63 17.52
N LEU B 108 -3.38 -21.31 17.58
CA LEU B 108 -4.19 -20.69 18.65
C LEU B 108 -5.57 -20.34 18.11
N ALA B 109 -5.61 -19.71 16.94
CA ALA B 109 -6.82 -19.00 16.48
C ALA B 109 -6.82 -18.96 14.96
N TRP B 110 -8.01 -19.00 14.40
CA TRP B 110 -8.29 -18.72 12.98
C TRP B 110 -8.63 -17.23 12.86
N GLY B 111 -8.01 -16.56 11.90
CA GLY B 111 -8.38 -15.20 11.48
C GLY B 111 -9.21 -15.24 10.21
N ILE B 112 -10.54 -15.10 10.30
CA ILE B 112 -11.42 -15.17 9.10
C ILE B 112 -11.44 -13.77 8.47
N GLY B 113 -10.53 -13.56 7.54
CA GLY B 113 -10.45 -12.33 6.73
C GLY B 113 -9.52 -11.30 7.37
N ASN B 114 -9.01 -10.41 6.52
CA ASN B 114 -8.22 -9.24 6.93
C ASN B 114 -8.89 -8.01 6.27
N GLU B 115 -9.58 -7.19 7.07
CA GLU B 115 -10.17 -5.89 6.62
C GLU B 115 -11.20 -6.12 5.48
N ILE B 116 -12.10 -7.11 5.61
CA ILE B 116 -13.17 -7.41 4.60
C ILE B 116 -14.05 -6.17 4.34
N GLU B 117 -14.16 -5.29 5.32
CA GLU B 117 -14.97 -4.05 5.19
C GLU B 117 -14.32 -3.08 4.20
N LEU B 118 -13.01 -3.15 3.92
CA LEU B 118 -12.36 -2.18 2.97
C LEU B 118 -12.41 -2.76 1.56
N GLY B 119 -13.31 -3.70 1.32
CA GLY B 119 -13.63 -4.26 -0.01
C GLY B 119 -14.43 -3.29 -0.86
N ASN B 120 -14.78 -3.73 -2.09
CA ASN B 120 -15.57 -2.97 -3.10
C ASN B 120 -16.74 -2.28 -2.41
N ALA B 121 -17.35 -2.94 -1.42
CA ALA B 121 -18.39 -2.35 -0.54
C ALA B 121 -18.40 -3.10 0.80
N ASN B 122 -18.70 -2.38 1.87
CA ASN B 122 -19.00 -2.96 3.20
C ASN B 122 -20.46 -3.41 3.18
N ILE B 123 -20.74 -4.73 3.12
CA ILE B 123 -22.13 -5.22 2.94
C ILE B 123 -22.43 -6.36 3.92
N ALA B 124 -23.72 -6.52 4.23
CA ALA B 124 -24.24 -7.57 5.13
C ALA B 124 -23.85 -8.96 4.61
N ALA B 125 -23.83 -9.18 3.29
CA ALA B 125 -23.54 -10.51 2.68
C ALA B 125 -22.13 -10.97 3.12
N ALA B 126 -21.15 -10.06 3.18
CA ALA B 126 -19.76 -10.38 3.59
C ALA B 126 -19.74 -10.73 5.08
N TRP B 127 -20.34 -9.88 5.92
CA TRP B 127 -20.35 -10.09 7.39
C TRP B 127 -21.13 -11.37 7.74
N ASN B 128 -22.26 -11.60 7.08
CA ASN B 128 -23.07 -12.82 7.28
C ASN B 128 -22.20 -14.02 6.94
N PHE B 129 -21.33 -13.90 5.93
CA PHE B 129 -20.51 -15.05 5.46
C PHE B 129 -19.38 -15.31 6.44
N VAL B 130 -18.81 -14.26 7.02
CA VAL B 130 -17.81 -14.44 8.11
C VAL B 130 -18.46 -15.25 9.24
N GLU B 131 -19.70 -14.93 9.59
CA GLU B 131 -20.41 -15.56 10.74
C GLU B 131 -20.72 -17.03 10.39
N GLU B 132 -21.13 -17.27 9.15
CA GLU B 132 -21.33 -18.64 8.58
C GLU B 132 -20.03 -19.44 8.69
N LEU B 133 -18.90 -18.86 8.30
CA LEU B 133 -17.62 -19.61 8.33
C LEU B 133 -17.19 -19.84 9.78
N ALA B 134 -17.47 -18.91 10.67
CA ALA B 134 -17.12 -19.07 12.10
C ALA B 134 -17.91 -20.27 12.65
N GLN B 135 -19.20 -20.36 12.32
CA GLN B 135 -20.06 -21.47 12.80
C GLN B 135 -19.51 -22.78 12.23
N LEU B 136 -19.11 -22.77 10.96
CA LEU B 136 -18.59 -23.96 10.29
C LEU B 136 -17.32 -24.40 11.00
N ILE B 137 -16.41 -23.48 11.25
CA ILE B 137 -15.14 -23.85 11.92
C ILE B 137 -15.48 -24.43 13.30
N LYS B 138 -16.32 -23.76 14.09
CA LYS B 138 -16.60 -24.18 15.50
C LYS B 138 -17.33 -25.53 15.53
N SER B 139 -18.01 -25.92 14.45
CA SER B 139 -18.69 -27.25 14.36
C SER B 139 -17.66 -28.40 14.20
N ILE B 140 -16.44 -28.10 13.73
CA ILE B 140 -15.37 -29.10 13.41
C ILE B 140 -14.24 -29.02 14.43
N ASP B 141 -13.79 -27.81 14.71
CA ASP B 141 -12.63 -27.51 15.55
C ASP B 141 -13.13 -26.92 16.85
N LYS B 142 -13.09 -27.71 17.92
CA LYS B 142 -13.56 -27.31 19.27
C LYS B 142 -12.41 -26.70 20.07
N ARG B 143 -11.19 -26.75 19.56
CA ARG B 143 -10.00 -26.32 20.34
C ARG B 143 -9.78 -24.81 20.15
N HIS B 144 -9.73 -24.35 18.90
CA HIS B 144 -9.14 -23.03 18.58
C HIS B 144 -10.18 -21.90 18.68
N LEU B 145 -9.66 -20.70 18.88
CA LEU B 145 -10.44 -19.44 18.80
C LEU B 145 -10.73 -19.10 17.34
N VAL B 146 -11.84 -18.44 17.09
CA VAL B 146 -12.20 -17.91 15.75
C VAL B 146 -12.29 -16.40 15.91
N SER B 147 -11.79 -15.68 14.92
CA SER B 147 -11.71 -14.21 14.94
C SER B 147 -11.95 -13.69 13.53
N THR B 148 -12.11 -12.37 13.41
CA THR B 148 -11.90 -11.66 12.13
C THR B 148 -10.96 -10.50 12.46
N VAL B 149 -10.30 -9.98 11.45
CA VAL B 149 -9.40 -8.81 11.59
C VAL B 149 -10.01 -7.66 10.81
N ILE B 150 -10.13 -6.51 11.47
CA ILE B 150 -10.71 -5.27 10.87
C ILE B 150 -9.67 -4.16 10.91
N SER B 151 -9.90 -3.13 10.11
CA SER B 151 -9.17 -1.86 10.20
C SER B 151 -9.62 -1.14 11.47
N TYR B 152 -8.90 -0.08 11.81
CA TYR B 152 -9.17 0.78 12.98
C TYR B 152 -10.37 1.64 12.62
N ASN B 153 -11.55 1.11 12.86
CA ASN B 153 -12.76 1.49 12.08
C ASN B 153 -13.99 1.28 12.97
N PRO B 154 -14.54 2.36 13.56
CA PRO B 154 -15.75 2.27 14.38
C PRO B 154 -16.91 1.53 13.69
N SER B 155 -17.14 1.73 12.37
CA SER B 155 -18.24 1.07 11.62
C SER B 155 -18.03 -0.43 11.64
N ALA B 156 -16.80 -0.87 11.40
CA ALA B 156 -16.44 -2.29 11.32
C ALA B 156 -16.68 -2.95 12.68
N LEU B 157 -16.39 -2.28 13.80
CA LEU B 157 -16.63 -2.89 15.14
C LEU B 157 -18.14 -3.08 15.30
N ASP B 158 -18.91 -2.09 14.86
CA ASP B 158 -20.39 -2.12 14.96
C ASP B 158 -20.91 -3.29 14.11
N SER B 159 -20.38 -3.47 12.91
CA SER B 159 -20.70 -4.60 12.00
C SER B 159 -20.42 -5.95 12.65
N VAL B 160 -19.25 -6.11 13.24
CA VAL B 160 -18.92 -7.38 13.95
C VAL B 160 -19.99 -7.64 15.01
N ALA B 161 -20.31 -6.63 15.83
CA ALA B 161 -21.27 -6.81 16.95
C ALA B 161 -22.61 -7.24 16.35
N LYS B 162 -23.02 -6.63 15.24
CA LYS B 162 -24.36 -6.87 14.66
C LYS B 162 -24.41 -8.26 14.00
N TYR B 163 -23.40 -8.62 13.20
CA TYR B 163 -23.47 -9.79 12.27
C TYR B 163 -22.67 -11.01 12.72
N ALA B 164 -21.63 -10.89 13.55
CA ALA B 164 -20.72 -12.02 13.81
C ALA B 164 -20.56 -12.29 15.30
N PRO B 165 -21.67 -12.61 16.03
CA PRO B 165 -21.57 -13.00 17.43
C PRO B 165 -20.80 -14.30 17.70
N SER B 166 -20.61 -15.17 16.71
CA SER B 166 -19.90 -16.46 16.92
C SER B 166 -18.40 -16.24 17.02
N LEU B 167 -17.87 -15.04 16.73
CA LEU B 167 -16.41 -14.79 16.88
C LEU B 167 -16.04 -14.74 18.37
N ASP B 168 -14.89 -15.29 18.75
CA ASP B 168 -14.37 -15.26 20.13
C ASP B 168 -13.74 -13.90 20.43
N TYR B 169 -13.08 -13.31 19.44
CA TYR B 169 -12.45 -11.98 19.59
C TYR B 169 -12.32 -11.32 18.22
N VAL B 170 -11.98 -10.04 18.24
CA VAL B 170 -11.74 -9.27 16.99
C VAL B 170 -10.28 -8.83 17.04
N GLY B 171 -9.62 -8.90 15.89
CA GLY B 171 -8.32 -8.29 15.67
C GLY B 171 -8.51 -6.92 15.07
N ILE B 172 -7.77 -5.93 15.57
CA ILE B 172 -7.80 -4.55 15.00
C ILE B 172 -6.37 -4.22 14.56
N ASN B 173 -6.25 -3.81 13.32
CA ASN B 173 -5.02 -3.31 12.71
C ASN B 173 -4.97 -1.80 13.01
N VAL B 174 -3.96 -1.35 13.72
CA VAL B 174 -3.85 0.08 14.13
C VAL B 174 -2.56 0.66 13.55
N TYR B 175 -2.69 1.57 12.60
CA TYR B 175 -1.58 2.39 12.04
C TYR B 175 -1.78 3.84 12.51
N GLY B 176 -0.69 4.43 12.98
CA GLY B 176 -0.68 5.83 13.43
C GLY B 176 -0.90 5.92 14.92
N PRO B 177 -1.55 7.00 15.41
CA PRO B 177 -1.72 7.19 16.86
C PRO B 177 -2.65 6.13 17.50
N MET B 178 -2.33 5.72 18.71
CA MET B 178 -3.02 4.63 19.43
C MET B 178 -3.75 5.13 20.69
N GLY B 179 -3.63 6.40 21.01
CA GLY B 179 -4.22 7.02 22.23
C GLY B 179 -5.74 6.88 22.29
N GLU B 180 -6.44 6.72 21.17
CA GLU B 180 -7.93 6.68 21.19
C GLU B 180 -8.45 5.23 21.04
N VAL B 181 -7.58 4.22 20.92
CA VAL B 181 -8.06 2.83 20.65
C VAL B 181 -9.02 2.36 21.76
N GLN B 182 -8.65 2.55 23.01
CA GLN B 182 -9.48 2.12 24.16
C GLN B 182 -10.88 2.74 24.07
N ALA B 183 -10.94 4.04 23.86
CA ALA B 183 -12.20 4.81 23.82
C ALA B 183 -13.03 4.37 22.61
N VAL B 184 -12.39 4.12 21.46
CA VAL B 184 -13.09 3.69 20.22
C VAL B 184 -13.76 2.33 20.45
N VAL B 185 -13.02 1.39 21.03
CA VAL B 185 -13.56 0.04 21.32
C VAL B 185 -14.69 0.16 22.36
N ASP B 186 -14.42 0.91 23.44
CA ASP B 186 -15.38 1.05 24.57
C ASP B 186 -16.69 1.64 24.02
N ARG B 187 -16.62 2.60 23.11
CA ARG B 187 -17.78 3.37 22.58
C ARG B 187 -18.55 2.55 21.53
N SER B 188 -17.89 1.60 20.84
CA SER B 188 -18.51 0.72 19.81
C SER B 188 -19.55 -0.22 20.45
N ASP B 189 -20.38 -0.83 19.62
CA ASP B 189 -21.39 -1.85 20.00
C ASP B 189 -20.69 -3.17 20.35
N TYR B 190 -19.40 -3.30 19.99
CA TYR B 190 -18.65 -4.58 20.16
C TYR B 190 -18.46 -4.79 21.66
N LYS B 191 -18.92 -5.94 22.14
CA LYS B 191 -18.68 -6.46 23.50
C LYS B 191 -17.79 -7.70 23.34
N GLY B 192 -16.69 -7.71 24.07
CA GLY B 192 -15.75 -8.84 24.01
C GLY B 192 -14.32 -8.37 23.95
N ALA B 193 -13.43 -9.33 23.90
CA ALA B 193 -11.97 -9.11 23.96
C ALA B 193 -11.51 -8.77 22.54
N PHE B 194 -10.33 -8.18 22.42
CA PHE B 194 -9.71 -7.91 21.10
C PHE B 194 -8.23 -8.16 21.19
N MET B 195 -7.60 -8.29 20.04
CA MET B 195 -6.14 -8.23 19.92
C MET B 195 -5.77 -7.08 18.96
N ILE B 196 -4.62 -6.46 19.15
CA ILE B 196 -4.10 -5.46 18.17
C ILE B 196 -3.18 -6.23 17.22
N THR B 197 -3.72 -6.61 16.06
CA THR B 197 -3.16 -7.61 15.14
C THR B 197 -2.16 -6.95 14.20
N GLU B 198 -2.05 -5.63 14.22
CA GLU B 198 -0.93 -4.91 13.59
C GLU B 198 -0.75 -3.62 14.39
N TRP B 199 0.45 -3.34 14.83
CA TRP B 199 0.76 -2.02 15.43
C TRP B 199 2.24 -1.78 15.32
N GLY B 200 2.64 -0.53 15.41
CA GLY B 200 4.05 -0.22 15.18
C GLY B 200 4.36 1.17 15.64
N PRO B 201 5.42 1.73 15.06
CA PRO B 201 5.96 2.99 15.51
C PRO B 201 5.27 4.16 14.83
N THR B 202 5.79 5.35 15.13
CA THR B 202 5.29 6.64 14.61
C THR B 202 5.26 6.59 13.08
N GLY B 203 4.14 6.96 12.50
CA GLY B 203 4.01 7.09 11.05
C GLY B 203 4.69 8.36 10.54
N TRP B 204 5.05 8.37 9.26
CA TRP B 204 5.69 9.53 8.58
C TRP B 204 4.65 10.63 8.39
N TRP B 205 3.38 10.37 8.67
CA TRP B 205 2.35 11.45 8.65
C TRP B 205 2.17 12.08 10.03
N GLU B 206 2.79 11.51 11.07
CA GLU B 206 2.67 11.99 12.48
C GLU B 206 3.86 12.86 12.89
N THR B 207 4.99 12.77 12.20
CA THR B 207 6.26 13.43 12.59
C THR B 207 6.32 14.84 12.03
N ALA B 208 7.28 15.62 12.51
CA ALA B 208 7.66 16.88 11.83
C ALA B 208 8.20 16.55 10.44
N SER B 209 8.26 17.52 9.56
CA SER B 209 8.81 17.37 8.19
C SER B 209 9.66 18.59 7.92
N THR B 210 10.59 18.52 6.97
CA THR B 210 11.41 19.69 6.56
C THR B 210 10.53 20.63 5.74
N GLU B 211 11.05 21.83 5.46
CA GLU B 211 10.40 22.84 4.56
C GLU B 211 10.15 22.24 3.18
N TRP B 212 10.95 21.28 2.74
CA TRP B 212 10.72 20.57 1.45
C TRP B 212 9.93 19.25 1.66
N LYS B 213 9.29 19.08 2.83
CA LYS B 213 8.25 18.04 3.11
C LYS B 213 8.86 16.65 3.28
N ALA B 214 10.16 16.55 3.56
CA ALA B 214 10.80 15.26 3.94
C ALA B 214 10.39 14.96 5.38
N PRO B 215 9.71 13.82 5.68
CA PRO B 215 9.34 13.50 7.06
C PRO B 215 10.59 13.23 7.92
N ILE B 216 10.64 13.80 9.12
CA ILE B 216 11.83 13.69 10.00
C ILE B 216 11.72 12.39 10.79
N GLU B 217 12.62 11.47 10.48
CA GLU B 217 12.61 10.10 11.07
C GLU B 217 13.23 10.11 12.46
N GLN B 218 12.60 9.42 13.39
CA GLN B 218 13.13 9.24 14.73
C GLN B 218 14.44 8.46 14.66
N THR B 219 15.34 8.73 15.60
CA THR B 219 16.53 7.86 15.83
C THR B 219 16.01 6.50 16.32
N SER B 220 16.86 5.48 16.36
CA SER B 220 16.49 4.15 16.92
C SER B 220 16.19 4.27 18.42
N GLU B 221 16.84 5.20 19.13
CA GLU B 221 16.52 5.46 20.54
C GLU B 221 15.10 6.02 20.70
N GLU B 222 14.72 7.00 19.89
CA GLU B 222 13.33 7.53 19.95
C GLU B 222 12.33 6.42 19.59
N LYS B 223 12.62 5.60 18.59
CA LYS B 223 11.73 4.48 18.18
C LYS B 223 11.60 3.47 19.32
N ARG B 224 12.71 3.12 20.00
CA ARG B 224 12.66 2.21 21.17
C ARG B 224 11.63 2.76 22.16
N GLN B 225 11.72 4.05 22.50
CA GLN B 225 10.81 4.67 23.50
C GLN B 225 9.37 4.55 23.02
N VAL B 226 9.13 4.80 21.73
CA VAL B 226 7.75 4.76 21.12
C VAL B 226 7.18 3.35 21.20
N TYR B 227 7.96 2.31 20.84
CA TYR B 227 7.47 0.92 20.91
C TYR B 227 7.11 0.58 22.36
N GLU B 228 7.99 0.88 23.31
CA GLU B 228 7.74 0.55 24.73
C GLU B 228 6.48 1.29 25.24
N GLU B 229 6.36 2.58 24.95
CA GLU B 229 5.27 3.48 25.45
C GLU B 229 3.94 3.05 24.85
N ARG B 230 3.92 2.79 23.55
CA ARG B 230 2.68 2.30 22.90
C ARG B 230 2.25 0.97 23.52
N TYR B 231 3.19 0.05 23.71
CA TYR B 231 2.88 -1.29 24.27
C TYR B 231 2.32 -1.11 25.67
N THR B 232 3.03 -0.35 26.51
CA THR B 232 2.72 -0.23 27.96
C THR B 232 1.41 0.52 28.14
N GLN B 233 1.24 1.64 27.45
CA GLN B 233 0.05 2.53 27.59
C GLN B 233 -1.17 1.97 26.86
N TYR B 234 -1.04 1.31 25.70
CA TYR B 234 -2.23 1.05 24.85
C TYR B 234 -2.52 -0.43 24.61
N ILE B 235 -1.59 -1.32 24.93
CA ILE B 235 -1.82 -2.78 24.77
C ILE B 235 -1.97 -3.38 26.17
N SER B 236 -0.86 -3.54 26.90
CA SER B 236 -0.92 -4.24 28.20
C SER B 236 -1.82 -3.47 29.18
N ALA B 237 -2.01 -2.15 29.10
CA ALA B 237 -2.87 -1.39 30.04
C ALA B 237 -4.37 -1.56 29.72
N ASN B 238 -4.74 -1.98 28.52
CA ASN B 238 -6.16 -2.15 28.11
C ASN B 238 -6.65 -3.55 28.55
N THR B 239 -7.57 -3.64 29.53
CA THR B 239 -7.97 -4.94 30.12
C THR B 239 -8.81 -5.75 29.11
N ARG B 240 -9.35 -5.15 28.05
CA ARG B 240 -10.05 -5.90 26.99
C ARG B 240 -9.09 -6.49 25.95
N CYS B 241 -7.83 -6.09 25.97
CA CYS B 241 -6.82 -6.51 24.96
C CYS B 241 -6.08 -7.76 25.46
N LEU B 242 -6.02 -8.81 24.64
CA LEU B 242 -5.42 -10.12 25.00
C LEU B 242 -4.02 -10.24 24.46
N GLY B 243 -3.55 -9.25 23.69
CA GLY B 243 -2.22 -9.31 23.08
C GLY B 243 -2.20 -8.58 21.75
N SER B 244 -1.14 -8.80 21.00
CA SER B 244 -0.78 -7.91 19.88
C SER B 244 0.28 -8.56 19.03
N PHE B 245 0.38 -8.09 17.78
CA PHE B 245 1.39 -8.51 16.81
C PHE B 245 2.06 -7.25 16.25
N VAL B 246 3.34 -7.14 16.54
CA VAL B 246 4.11 -5.91 16.28
C VAL B 246 4.63 -5.93 14.84
N PHE B 247 4.81 -4.74 14.27
CA PHE B 247 5.40 -4.58 12.93
C PHE B 247 6.41 -3.44 12.97
N LEU B 248 7.29 -3.42 11.97
CA LEU B 248 7.52 -4.53 11.04
C LEU B 248 8.67 -5.40 11.58
N TRP B 249 8.34 -6.64 11.92
CA TRP B 249 9.36 -7.57 12.45
C TRP B 249 10.11 -8.10 11.23
N GLY B 250 11.03 -7.30 10.73
CA GLY B 250 11.65 -7.48 9.41
C GLY B 250 12.04 -6.14 8.85
N GLN B 251 12.19 -6.08 7.54
CA GLN B 251 12.62 -4.86 6.87
C GLN B 251 11.86 -4.77 5.56
N LYS B 252 11.43 -3.57 5.23
CA LYS B 252 10.79 -3.27 3.94
C LYS B 252 10.86 -1.77 3.71
N GLU B 253 11.06 -1.34 2.46
CA GLU B 253 11.09 0.09 2.11
C GLU B 253 9.73 0.72 2.45
N GLU B 254 9.73 1.79 3.22
CA GLU B 254 8.49 2.51 3.64
C GLU B 254 8.88 3.95 3.93
N ARG B 255 8.93 4.75 2.86
CA ARG B 255 9.46 6.13 2.84
C ARG B 255 10.99 6.13 2.96
N THR B 256 11.54 5.31 3.85
CA THR B 256 12.99 5.07 3.99
C THR B 256 13.17 3.60 4.27
N PRO B 257 14.41 3.10 4.11
CA PRO B 257 14.69 1.71 4.45
C PRO B 257 14.53 1.36 5.92
N THR B 258 14.54 2.37 6.81
CA THR B 258 14.52 2.16 8.28
C THR B 258 13.18 2.50 8.92
N TRP B 259 12.27 3.20 8.22
CA TRP B 259 11.13 3.89 8.90
C TRP B 259 10.47 3.00 9.95
N PHE B 260 9.94 1.85 9.56
CA PHE B 260 9.22 0.96 10.51
C PHE B 260 9.88 -0.43 10.59
N SER B 261 11.10 -0.54 10.11
CA SER B 261 11.82 -1.83 10.01
C SER B 261 12.54 -2.10 11.33
N MET B 262 12.24 -3.21 12.00
CA MET B 262 12.86 -3.58 13.28
C MET B 262 14.19 -4.28 13.05
N PHE B 263 14.49 -4.65 11.82
CA PHE B 263 15.83 -5.14 11.39
C PHE B 263 16.31 -4.24 10.28
N VAL B 264 17.62 -4.10 10.12
CA VAL B 264 18.19 -3.36 8.98
C VAL B 264 18.28 -4.28 7.77
N GLU B 265 18.69 -3.71 6.65
CA GLU B 265 18.73 -4.47 5.39
C GLU B 265 19.82 -5.54 5.44
N ASP B 266 19.66 -6.54 4.59
CA ASP B 266 20.55 -7.69 4.40
C ASP B 266 20.78 -7.84 2.89
N LYS B 267 22.00 -8.08 2.43
CA LYS B 267 22.30 -8.31 0.98
C LYS B 267 21.71 -7.21 0.07
N VAL B 268 21.84 -5.93 0.43
CA VAL B 268 21.82 -4.80 -0.52
C VAL B 268 23.24 -4.62 -1.09
N ASP B 269 23.36 -4.42 -2.40
CA ASP B 269 24.67 -4.37 -3.09
C ASP B 269 25.48 -3.21 -2.52
N SER B 270 26.71 -3.51 -2.11
CA SER B 270 27.73 -2.51 -1.69
C SER B 270 27.22 -1.76 -0.46
N LEU B 271 26.47 -2.45 0.40
CA LEU B 271 26.05 -1.99 1.74
C LEU B 271 26.33 -3.12 2.73
N PRO B 272 27.35 -2.97 3.58
CA PRO B 272 27.79 -4.08 4.43
C PRO B 272 26.94 -4.21 5.70
N LEU B 273 25.60 -4.24 5.56
CA LEU B 273 24.70 -4.58 6.66
C LEU B 273 24.22 -6.01 6.42
N LYS B 274 23.95 -6.74 7.48
CA LYS B 274 23.58 -8.19 7.43
C LYS B 274 22.31 -8.42 8.26
N GLY B 275 21.33 -7.52 8.17
CA GLY B 275 20.03 -7.71 8.83
C GLY B 275 20.13 -7.73 10.34
N GLU B 276 21.01 -6.91 10.91
CA GLU B 276 21.16 -6.83 12.38
C GLU B 276 19.83 -6.39 13.01
N LYS B 277 19.61 -6.83 14.25
CA LYS B 277 18.48 -6.36 15.10
C LYS B 277 18.82 -4.96 15.66
N THR B 278 17.80 -4.26 16.13
CA THR B 278 17.83 -2.82 16.46
C THR B 278 17.37 -2.61 17.89
N PRO B 279 17.50 -1.38 18.42
CA PRO B 279 16.88 -1.03 19.69
C PRO B 279 15.38 -1.32 19.70
N MET B 280 14.75 -1.38 18.51
CA MET B 280 13.29 -1.64 18.43
C MET B 280 13.03 -3.09 18.82
N VAL B 281 13.97 -4.01 18.54
CA VAL B 281 13.93 -5.42 19.02
C VAL B 281 14.19 -5.42 20.53
N GLU B 282 15.19 -4.68 20.99
CA GLU B 282 15.45 -4.49 22.45
C GLU B 282 14.16 -4.03 23.15
N ALA B 283 13.48 -3.03 22.62
CA ALA B 283 12.23 -2.48 23.20
C ALA B 283 11.22 -3.62 23.45
N MET B 284 11.01 -4.45 22.45
CA MET B 284 10.05 -5.56 22.59
C MET B 284 10.57 -6.60 23.59
N GLN B 285 11.86 -6.95 23.60
CA GLN B 285 12.34 -7.90 24.65
C GLN B 285 11.98 -7.32 26.02
N ARG B 286 12.24 -6.03 26.22
CA ARG B 286 11.99 -5.35 27.52
C ARG B 286 10.52 -5.48 27.90
N VAL B 287 9.60 -5.14 27.01
CA VAL B 287 8.16 -5.09 27.41
C VAL B 287 7.58 -6.52 27.39
N TRP B 288 8.03 -7.39 26.49
CA TRP B 288 7.49 -8.78 26.47
C TRP B 288 7.92 -9.52 27.76
N THR B 289 9.19 -9.43 28.15
CA THR B 289 9.79 -10.19 29.29
C THR B 289 9.46 -9.47 30.59
N GLY B 290 9.34 -8.14 30.56
CA GLY B 290 9.11 -7.35 31.79
C GLY B 290 10.37 -7.26 32.62
N LYS B 291 11.51 -7.64 32.06
CA LYS B 291 12.83 -7.74 32.75
C LYS B 291 13.81 -6.80 32.03
N GLU B 292 14.84 -6.33 32.74
CA GLU B 292 15.97 -5.55 32.18
C GLU B 292 16.85 -6.47 31.34
N LEU B 293 17.57 -5.90 30.38
CA LEU B 293 18.38 -6.68 29.41
C LEU B 293 19.86 -6.66 29.85
N ASP B 294 20.57 -7.77 29.64
CA ASP B 294 22.05 -7.87 29.77
C ASP B 294 22.73 -7.02 28.68
N GLU B 295 22.46 -7.33 27.40
CA GLU B 295 23.04 -6.61 26.24
C GLU B 295 22.00 -5.58 25.76
N THR B 296 22.40 -4.30 25.63
CA THR B 296 21.59 -3.26 24.94
C THR B 296 22.36 -2.63 23.77
N ALA B 297 21.64 -2.08 22.80
CA ALA B 297 22.20 -1.48 21.56
C ALA B 297 22.80 -0.13 21.90
N PRO B 298 23.69 0.41 21.05
CA PRO B 298 24.18 1.78 21.21
C PRO B 298 23.00 2.76 21.22
N ILE B 299 23.05 3.73 22.13
CA ILE B 299 21.99 4.76 22.27
C ILE B 299 22.37 5.94 21.40
N VAL B 300 21.61 6.20 20.33
CA VAL B 300 21.87 7.36 19.42
C VAL B 300 21.11 8.56 19.99
N ARG B 301 21.83 9.61 20.38
CA ARG B 301 21.21 10.80 21.04
C ARG B 301 20.87 11.83 19.98
N GLY B 302 21.45 11.72 18.79
CA GLY B 302 21.08 12.58 17.65
C GLY B 302 22.18 12.60 16.60
N MET B 303 22.01 13.48 15.62
CA MET B 303 22.85 13.51 14.41
C MET B 303 22.83 14.91 13.80
N THR B 304 23.96 15.39 13.31
CA THR B 304 24.04 16.75 12.74
C THR B 304 24.80 16.71 11.41
N ILE B 305 24.55 17.70 10.57
CA ILE B 305 25.41 18.10 9.43
C ILE B 305 25.82 19.55 9.70
N ASP B 306 27.12 19.81 9.76
CA ASP B 306 27.68 21.17 10.05
C ASP B 306 27.00 21.74 11.29
N GLY B 307 26.80 20.92 12.32
CA GLY B 307 26.23 21.27 13.64
C GLY B 307 24.71 21.46 13.65
N LYS B 308 24.04 21.31 12.52
CA LYS B 308 22.56 21.51 12.41
C LYS B 308 21.87 20.14 12.43
N SER B 309 20.69 20.09 13.02
CA SER B 309 19.82 18.91 13.15
C SER B 309 18.77 18.89 12.03
N ALA B 310 18.08 17.76 11.87
CA ALA B 310 17.05 17.57 10.82
C ALA B 310 16.06 18.74 10.83
N ILE B 311 15.62 19.17 12.02
CA ILE B 311 14.54 20.18 12.20
C ILE B 311 15.02 21.55 11.67
N ASP B 312 16.33 21.74 11.49
CA ASP B 312 16.94 23.05 11.10
C ASP B 312 16.89 23.24 9.58
N ASN B 313 16.36 22.28 8.81
CA ASN B 313 16.26 22.43 7.34
C ASN B 313 17.64 22.65 6.73
N VAL B 314 18.50 21.63 6.84
CA VAL B 314 19.94 21.71 6.46
C VAL B 314 20.05 21.92 4.95
N ARG B 315 20.71 22.99 4.51
CA ARG B 315 20.90 23.28 3.06
C ARG B 315 22.40 23.37 2.83
N ILE B 316 22.93 22.61 1.87
CA ILE B 316 24.38 22.52 1.57
C ILE B 316 24.59 23.03 0.15
N LYS B 317 25.61 23.86 -0.07
CA LYS B 317 26.02 24.31 -1.42
C LYS B 317 26.53 23.08 -2.22
N ALA B 318 26.04 22.87 -3.45
CA ALA B 318 26.58 21.88 -4.42
C ALA B 318 28.12 22.02 -4.47
N GLY B 319 28.86 20.92 -4.38
CA GLY B 319 30.32 20.90 -4.50
C GLY B 319 31.06 21.32 -3.23
N THR B 320 30.37 21.70 -2.15
CA THR B 320 31.02 22.04 -0.85
C THR B 320 31.04 20.83 0.07
N LEU B 321 32.15 20.64 0.77
CA LEU B 321 32.28 19.64 1.86
C LEU B 321 31.29 19.95 2.98
N PHE B 322 30.65 18.92 3.53
CA PHE B 322 29.82 18.99 4.76
C PHE B 322 30.30 17.89 5.67
N LYS B 323 30.20 18.13 6.97
CA LYS B 323 30.71 17.26 8.05
C LYS B 323 29.51 16.75 8.83
N ALA B 324 29.32 15.43 8.88
CA ALA B 324 28.25 14.85 9.70
C ALA B 324 28.87 14.27 10.97
N GLU B 325 28.07 14.18 12.02
CA GLU B 325 28.46 13.58 13.30
C GLU B 325 27.23 12.92 13.90
N VAL B 326 27.40 11.75 14.50
CA VAL B 326 26.31 11.06 15.24
C VAL B 326 26.76 10.97 16.68
N SER B 327 25.85 11.35 17.56
CA SER B 327 26.09 11.42 19.01
C SER B 327 25.60 10.11 19.61
N VAL B 328 26.50 9.35 20.22
CA VAL B 328 26.20 8.04 20.85
C VAL B 328 26.65 8.12 22.30
N THR B 329 25.81 7.65 23.24
CA THR B 329 26.08 7.67 24.71
C THR B 329 27.28 6.75 25.02
N ASP B 334 33.51 1.23 23.07
CA ASP B 334 33.97 2.10 21.95
C ASP B 334 34.76 1.27 20.93
N SER B 335 34.30 0.04 20.69
CA SER B 335 34.64 -0.79 19.50
C SER B 335 33.58 -0.56 18.41
N LEU B 336 32.94 0.62 18.35
CA LEU B 336 31.80 0.88 17.43
C LEU B 336 32.31 1.08 16.01
N ALA B 337 31.52 0.61 15.03
CA ALA B 337 31.73 0.92 13.60
C ALA B 337 30.51 1.71 13.07
N TYR B 338 30.74 2.60 12.13
CA TYR B 338 29.72 3.52 11.59
C TYR B 338 29.64 3.30 10.09
N VAL B 339 28.44 3.04 9.61
CA VAL B 339 28.16 2.88 8.16
C VAL B 339 27.34 4.09 7.73
N TRP B 340 27.80 4.77 6.69
CA TRP B 340 27.23 6.03 6.18
C TRP B 340 26.73 5.81 4.76
N GLU B 341 25.51 6.25 4.48
CA GLU B 341 24.94 6.12 3.12
C GLU B 341 24.08 7.33 2.83
N VAL B 342 24.23 7.89 1.64
CA VAL B 342 23.35 8.99 1.16
C VAL B 342 22.43 8.41 0.11
N LEU B 343 21.14 8.60 0.30
CA LEU B 343 20.13 8.26 -0.72
C LEU B 343 19.41 9.55 -1.12
N LYS B 344 18.85 9.58 -2.32
CA LYS B 344 17.85 10.59 -2.69
C LYS B 344 16.68 10.48 -1.73
N GLU B 345 16.00 11.59 -1.49
CA GLU B 345 14.68 11.55 -0.81
C GLU B 345 13.76 10.73 -1.72
N ALA B 346 12.97 9.83 -1.12
CA ALA B 346 12.07 8.92 -1.86
C ALA B 346 11.00 9.73 -2.60
N THR B 347 10.78 9.42 -3.88
CA THR B 347 9.78 10.07 -4.76
C THR B 347 8.80 9.03 -5.30
N VAL B 348 9.14 7.74 -5.24
CA VAL B 348 8.18 6.68 -5.67
C VAL B 348 7.60 6.02 -4.43
N LEU B 349 6.40 6.44 -4.04
CA LEU B 349 5.77 5.96 -2.79
C LEU B 349 4.62 5.02 -3.14
N GLY B 350 4.29 4.13 -2.20
CA GLY B 350 3.09 3.27 -2.27
C GLY B 350 1.89 4.17 -2.49
N PHE B 351 1.20 4.01 -3.61
CA PHE B 351 0.09 4.88 -4.03
C PHE B 351 -1.03 3.93 -4.40
N GLY B 352 -1.69 3.41 -3.36
CA GLY B 352 -2.72 2.37 -3.48
C GLY B 352 -2.07 0.99 -3.54
N GLY B 353 -0.76 0.91 -3.32
CA GLY B 353 0.01 -0.34 -3.23
C GLY B 353 0.84 -0.35 -1.97
N SER B 354 1.46 -1.48 -1.66
CA SER B 354 2.33 -1.63 -0.45
C SER B 354 3.80 -1.39 -0.83
N TYR B 355 4.24 -1.73 -2.06
CA TYR B 355 5.69 -1.88 -2.40
C TYR B 355 6.28 -0.65 -3.09
N GLU B 356 7.47 -0.24 -2.62
CA GLU B 356 8.24 0.96 -3.03
C GLU B 356 9.68 0.55 -3.37
N PRO B 357 10.24 1.03 -4.49
CA PRO B 357 11.64 0.75 -4.80
C PRO B 357 12.56 1.46 -3.82
N ARG B 358 13.75 0.91 -3.64
CA ARG B 358 14.79 1.58 -2.84
C ARG B 358 15.20 2.87 -3.53
N PRO B 359 15.19 4.02 -2.83
CA PRO B 359 15.73 5.25 -3.38
C PRO B 359 17.19 5.10 -3.79
N GLU B 360 17.56 5.82 -4.85
CA GLU B 360 18.89 5.73 -5.49
C GLU B 360 19.97 6.28 -4.54
N ARG B 361 21.08 5.56 -4.46
CA ARG B 361 22.28 5.99 -3.68
C ARG B 361 23.06 7.06 -4.45
N MET B 362 23.55 8.06 -3.72
CA MET B 362 24.50 9.09 -4.21
C MET B 362 25.87 8.68 -3.71
N GLY B 363 26.80 8.49 -4.66
CA GLY B 363 28.18 8.08 -4.33
C GLY B 363 28.19 6.68 -3.74
N ASP B 364 29.14 6.42 -2.85
CA ASP B 364 29.42 5.06 -2.34
C ASP B 364 29.24 5.06 -0.83
N VAL B 365 28.84 3.93 -0.27
CA VAL B 365 28.82 3.71 1.21
C VAL B 365 30.22 3.89 1.80
N ALA B 366 30.30 4.46 2.99
CA ALA B 366 31.55 4.64 3.75
C ALA B 366 31.38 3.92 5.08
N VAL B 367 32.45 3.31 5.54
CA VAL B 367 32.54 2.75 6.91
C VAL B 367 33.66 3.51 7.63
N SER B 368 33.44 3.87 8.91
CA SER B 368 34.44 4.60 9.74
C SER B 368 34.51 3.98 11.12
N ASP B 369 35.62 4.23 11.84
CA ASP B 369 35.83 3.84 13.26
C ASP B 369 35.37 4.98 14.18
N LYS B 370 35.22 6.20 13.68
CA LYS B 370 34.82 7.42 14.46
C LYS B 370 33.41 7.89 14.03
N ASN B 371 32.77 8.66 14.90
CA ASN B 371 31.34 9.07 14.79
C ASN B 371 31.16 10.29 13.87
N VAL B 372 32.07 10.48 12.92
CA VAL B 372 32.10 11.66 12.00
C VAL B 372 32.31 11.17 10.57
N TYR B 373 31.81 11.94 9.61
CA TYR B 373 31.88 11.59 8.18
C TYR B 373 31.78 12.87 7.39
N GLU B 374 32.66 13.08 6.41
CA GLU B 374 32.57 14.28 5.56
C GLU B 374 32.53 13.86 4.11
N THR B 375 31.69 14.52 3.34
CA THR B 375 31.54 14.24 1.91
C THR B 375 31.04 15.50 1.23
N MET B 376 30.68 15.33 -0.03
CA MET B 376 30.37 16.39 -0.98
C MET B 376 29.39 15.76 -1.99
N ILE B 377 28.37 16.53 -2.35
CA ILE B 377 27.35 16.18 -3.37
C ILE B 377 27.37 17.31 -4.41
N LYS B 378 27.54 16.98 -5.69
CA LYS B 378 27.60 17.95 -6.81
C LYS B 378 26.21 18.30 -7.33
N VAL B 379 25.23 17.42 -7.19
CA VAL B 379 23.91 17.52 -7.87
C VAL B 379 22.90 18.17 -6.91
N PRO B 380 22.32 19.34 -7.23
CA PRO B 380 21.27 19.90 -6.39
C PRO B 380 20.10 18.91 -6.30
N GLY B 381 19.47 18.84 -5.13
CA GLY B 381 18.32 17.96 -4.91
C GLY B 381 18.06 17.73 -3.44
N GLU B 382 17.17 16.77 -3.16
CA GLU B 382 16.77 16.40 -1.79
C GLU B 382 17.41 15.05 -1.48
N TYR B 383 18.06 14.96 -0.32
CA TYR B 383 18.85 13.77 0.05
C TYR B 383 18.58 13.45 1.51
N ARG B 384 19.08 12.29 1.90
CA ARG B 384 19.05 11.84 3.29
C ARG B 384 20.39 11.17 3.58
N LEU B 385 21.06 11.57 4.63
CA LEU B 385 22.27 10.87 5.09
C LEU B 385 21.84 9.92 6.21
N TYR B 386 22.08 8.62 6.02
CA TYR B 386 21.79 7.55 7.00
C TYR B 386 23.08 7.17 7.71
N VAL B 387 23.04 6.99 9.02
CA VAL B 387 24.16 6.36 9.75
C VAL B 387 23.63 5.10 10.44
N TYR B 388 24.45 4.07 10.42
CA TYR B 388 24.21 2.81 11.16
C TYR B 388 25.37 2.61 12.10
N VAL B 389 25.09 2.42 13.39
CA VAL B 389 26.09 2.28 14.48
C VAL B 389 26.08 0.83 14.90
N LEU B 390 27.14 0.10 14.55
CA LEU B 390 27.25 -1.35 14.82
C LEU B 390 28.10 -1.54 16.08
N ASP B 391 27.57 -2.27 17.05
CA ASP B 391 28.39 -2.79 18.16
C ASP B 391 28.87 -4.15 17.66
N ASN B 392 29.49 -4.94 18.50
CA ASN B 392 30.05 -6.21 17.99
C ASN B 392 29.24 -7.36 18.56
N THR B 393 27.96 -7.10 18.90
CA THR B 393 27.10 -8.11 19.54
C THR B 393 25.90 -8.49 18.63
N GLY B 394 25.75 -7.87 17.46
CA GLY B 394 24.69 -8.14 16.48
C GLY B 394 23.60 -7.07 16.50
N PHE B 395 23.80 -6.00 17.27
CA PHE B 395 22.91 -4.81 17.30
C PHE B 395 23.42 -3.77 16.33
N VAL B 396 22.48 -3.02 15.77
CA VAL B 396 22.77 -1.83 14.95
C VAL B 396 21.76 -0.76 15.38
N SER B 397 22.24 0.45 15.57
CA SER B 397 21.42 1.62 15.93
C SER B 397 21.45 2.61 14.76
N THR B 398 20.47 3.50 14.69
CA THR B 398 20.22 4.25 13.44
C THR B 398 19.84 5.69 13.72
N ALA B 399 20.16 6.53 12.76
CA ALA B 399 19.59 7.89 12.63
C ALA B 399 19.76 8.30 11.18
N ASN B 400 19.00 9.27 10.71
CA ASN B 400 19.27 9.89 9.40
C ASN B 400 18.95 11.37 9.45
N ILE B 401 19.42 12.12 8.48
CA ILE B 401 19.12 13.57 8.44
C ILE B 401 18.84 13.96 6.99
N PRO B 402 17.64 14.48 6.72
CA PRO B 402 17.32 14.96 5.39
C PRO B 402 18.03 16.30 5.17
N PHE B 403 18.52 16.53 3.96
CA PHE B 403 19.20 17.81 3.65
C PHE B 403 18.95 18.07 2.17
N GLN B 404 19.08 19.34 1.81
CA GLN B 404 18.91 19.82 0.44
C GLN B 404 20.28 20.35 -0.02
N VAL B 405 20.69 19.97 -1.21
CA VAL B 405 21.87 20.55 -1.90
C VAL B 405 21.32 21.60 -2.87
N ILE B 406 21.87 22.81 -2.84
CA ILE B 406 21.44 23.99 -3.64
C ILE B 406 22.61 24.44 -4.52
N ASP B 407 22.33 25.00 -5.70
CA ASP B 407 23.34 25.62 -6.60
C ASP B 407 24.05 26.77 -5.88
C ACT C . -1.40 7.31 -30.04
O ACT C . -2.62 7.31 -29.73
OXT ACT C . -0.93 6.68 -31.02
CH3 ACT C . -0.42 8.12 -29.15
H1 ACT C . -0.92 8.54 -28.43
H2 ACT C . 0.01 8.80 -29.68
H3 ACT C . 0.24 7.53 -28.78
C ACT D . 14.69 -2.51 -4.81
O ACT D . 14.53 -2.85 -3.60
OXT ACT D . 14.50 -1.37 -5.21
CH3 ACT D . 15.13 -3.58 -5.87
H1 ACT D . 15.23 -4.45 -5.44
H2 ACT D . 15.98 -3.31 -6.26
H3 ACT D . 14.46 -3.65 -6.56
C ACT E . -3.69 -15.29 -9.35
O ACT E . -3.48 -14.46 -8.42
OXT ACT E . -4.73 -16.01 -9.41
CH3 ACT E . -2.62 -15.45 -10.46
H1 ACT E . -1.87 -14.86 -10.28
H2 ACT E . -3.00 -15.23 -11.32
H3 ACT E . -2.30 -16.37 -10.47
C ACT F . -14.66 2.00 5.20
O ACT F . -14.11 2.53 6.17
OXT ACT F . -14.39 2.29 4.00
CH3 ACT F . -15.77 0.94 5.48
H1 ACT F . -16.13 0.62 4.64
H2 ACT F . -16.48 1.35 6.00
H3 ACT F . -15.38 0.21 5.97
S SO4 G . 0.02 8.04 20.40
O1 SO4 G . 0.77 7.82 21.62
O2 SO4 G . -1.38 8.39 20.66
O3 SO4 G . 0.07 6.84 19.63
O4 SO4 G . 0.59 9.14 19.67
#